data_8GY5
#
_entry.id   8GY5
#
_cell.length_a   55.060
_cell.length_b   62.960
_cell.length_c   81.290
_cell.angle_alpha   105.730
_cell.angle_beta   98.000
_cell.angle_gamma   92.440
#
_symmetry.space_group_name_H-M   'P 1'
#
loop_
_entity.id
_entity.type
_entity.pdbx_description
1 polymer 'heavy chain'
2 polymer 'light chain'
3 polymer 'Programmed cell death protein 1'
4 water water
#
loop_
_entity_poly.entity_id
_entity_poly.type
_entity_poly.pdbx_seq_one_letter_code
_entity_poly.pdbx_strand_id
1 'polypeptide(L)'
;EVQLLESGGVLVQPGGSLRLSCAASGFTFSNFGMTWVRQAPGKGLEWVSGISGGGRDTYFADSVKGRFTISRDNSKNTLY
LQMNSLKGEDTAVYYCVKWGNIYFDYWGQGTLVTVSSASTKGPSVFPLAPSSKSTSGGTAALGCLVKDYFPEPVTVSWNS
GALTSGVHTFPAVLQSSGLYSLSSVVTVPSSSLGTQTYICNVNHKPSNTKVDKKVEPKSCDKTHHHHHH
;
A,H
2 'polypeptide(L)'
;DIQMTQSPSSLSASVGDSITITCRASLSINTFLNWYQQKPGKAPNLLIYAASSLHGGVPSRFSGSGSGTDFTLTIRTLQP
EDFATYYCQQSSNTPFTFGPGTVVDFRRTVAAPSVFIFPPSDEQLKSGTASVVCLLNNFYPREAKVQWKVDNALQSGNSQ
ESVTEQDSKDSTYSLSSTLTLSKADYEKHKVYACEVTHQGLSSPVTKSFNRGEC
;
B,L
3 'polypeptide(L)'
;DSPDRPWNPPTFSPALLVVTEGDNATFTCSFSNTSESFVLNWYRMSPSNQTDKLAAFPEDRSQPGQDSRFRVTQLPNGRD
FHMSVVRARRNDSGTYLCGAISLAPKAQIKESLRAELRVTERRAE
;
Q,P
#
# COMPACT_ATOMS: atom_id res chain seq x y z
N GLU A 1 16.25 -29.87 2.66
CA GLU A 1 17.60 -29.62 3.13
C GLU A 1 17.60 -28.49 4.17
N VAL A 2 16.81 -27.47 3.92
CA VAL A 2 16.76 -26.29 4.80
C VAL A 2 15.97 -26.63 6.07
N GLN A 3 16.57 -26.34 7.23
CA GLN A 3 15.91 -26.47 8.52
C GLN A 3 16.15 -25.23 9.35
N LEU A 4 15.07 -24.71 9.94
CA LEU A 4 15.16 -23.63 10.91
C LEU A 4 14.43 -24.11 12.16
N LEU A 5 15.13 -24.12 13.30
CA LEU A 5 14.56 -24.63 14.54
C LEU A 5 14.61 -23.54 15.62
N GLU A 6 13.43 -23.02 15.99
CA GLU A 6 13.32 -22.00 17.03
C GLU A 6 13.22 -22.64 18.40
N SER A 7 13.75 -21.94 19.40
CA SER A 7 13.62 -22.40 20.77
C SER A 7 13.62 -21.19 21.71
N GLY A 8 12.94 -21.32 22.84
CA GLY A 8 12.99 -20.30 23.87
C GLY A 8 11.65 -19.74 24.30
N GLY A 9 10.56 -20.10 23.64
CA GLY A 9 9.26 -19.54 23.96
C GLY A 9 8.79 -20.00 25.32
N VAL A 10 8.57 -19.07 26.25
CA VAL A 10 8.04 -19.41 27.57
C VAL A 10 7.15 -18.28 28.06
N LEU A 11 6.53 -18.51 29.22
CA LEU A 11 5.79 -17.50 29.95
C LEU A 11 6.74 -16.53 30.62
N VAL A 12 6.52 -15.23 30.39
CA VAL A 12 7.37 -14.18 30.94
C VAL A 12 6.49 -13.03 31.40
N GLN A 13 6.86 -12.43 32.53
CA GLN A 13 6.12 -11.31 33.10
C GLN A 13 6.31 -10.03 32.28
N PRO A 14 5.27 -9.21 32.16
CA PRO A 14 5.41 -7.94 31.42
C PRO A 14 6.56 -7.10 31.95
N GLY A 15 7.26 -6.46 31.04
CA GLY A 15 8.44 -5.70 31.40
C GLY A 15 9.72 -6.52 31.49
N GLY A 16 9.62 -7.84 31.48
CA GLY A 16 10.78 -8.69 31.56
C GLY A 16 11.49 -8.85 30.22
N SER A 17 12.39 -9.83 30.18
CA SER A 17 13.37 -9.94 29.10
C SER A 17 13.47 -11.41 28.70
N LEU A 18 13.77 -11.65 27.41
CA LEU A 18 13.76 -13.01 26.89
C LEU A 18 14.51 -13.10 25.57
N ARG A 19 15.32 -14.15 25.43
CA ARG A 19 16.09 -14.37 24.22
C ARG A 19 15.62 -15.64 23.55
N LEU A 20 15.24 -15.52 22.29
CA LEU A 20 14.92 -16.64 21.43
C LEU A 20 16.12 -16.97 20.56
N SER A 21 16.25 -18.24 20.22
CA SER A 21 17.30 -18.66 19.32
C SER A 21 16.70 -19.48 18.19
N CYS A 22 17.44 -19.56 17.10
CA CYS A 22 17.03 -20.34 15.94
C CYS A 22 18.30 -20.94 15.35
N ALA A 23 18.29 -22.26 15.21
CA ALA A 23 19.43 -23.00 14.67
C ALA A 23 19.11 -23.36 13.23
N ALA A 24 20.01 -23.00 12.31
CA ALA A 24 19.79 -23.14 10.87
C ALA A 24 20.72 -24.19 10.30
N SER A 25 20.28 -24.84 9.23
CA SER A 25 21.08 -25.87 8.58
C SER A 25 20.54 -26.13 7.17
N GLY A 26 21.37 -26.74 6.34
CA GLY A 26 20.99 -27.02 4.98
C GLY A 26 21.28 -25.92 3.98
N PHE A 27 21.87 -24.82 4.43
CA PHE A 27 22.31 -23.75 3.54
C PHE A 27 23.50 -23.05 4.21
N THR A 28 24.23 -22.27 3.40
CA THR A 28 25.34 -21.52 3.94
C THR A 28 24.78 -20.34 4.74
N PHE A 29 24.81 -20.48 6.06
CA PHE A 29 24.10 -19.55 6.94
C PHE A 29 24.55 -18.11 6.72
N SER A 30 25.87 -17.89 6.74
CA SER A 30 26.43 -16.54 6.69
C SER A 30 26.23 -15.85 5.35
N ASN A 31 25.83 -16.59 4.31
CA ASN A 31 25.55 -15.98 3.02
C ASN A 31 24.16 -15.33 2.95
N PHE A 32 23.35 -15.40 4.01
CA PHE A 32 21.93 -15.06 3.90
C PHE A 32 21.48 -14.14 5.02
N GLY A 33 20.77 -13.08 4.64
CA GLY A 33 20.03 -12.33 5.62
C GLY A 33 18.99 -13.22 6.29
N MET A 34 18.61 -12.83 7.50
CA MET A 34 17.71 -13.58 8.36
C MET A 34 16.63 -12.63 8.87
N THR A 35 15.49 -13.18 9.27
CA THR A 35 14.36 -12.38 9.69
C THR A 35 13.55 -13.11 10.76
N TRP A 36 12.86 -12.33 11.60
CA TRP A 36 11.87 -12.83 12.53
C TRP A 36 10.49 -12.28 12.17
N VAL A 37 9.49 -13.16 12.19
CA VAL A 37 8.09 -12.80 11.91
C VAL A 37 7.25 -13.43 13.02
N ARG A 38 6.22 -12.73 13.48
CA ARG A 38 5.43 -13.26 14.59
C ARG A 38 3.94 -13.24 14.25
N GLN A 39 3.20 -14.09 14.97
CA GLN A 39 1.77 -14.25 14.74
C GLN A 39 1.08 -14.38 16.09
N ALA A 40 0.29 -13.37 16.46
CA ALA A 40 -0.44 -13.55 17.71
C ALA A 40 -1.60 -14.52 17.50
N PRO A 41 -2.00 -15.26 18.52
CA PRO A 41 -3.00 -16.32 18.33
C PRO A 41 -4.26 -15.81 17.65
N GLY A 42 -4.65 -16.47 16.56
CA GLY A 42 -5.82 -16.07 15.83
C GLY A 42 -5.65 -14.85 14.95
N LYS A 43 -4.47 -14.23 14.92
CA LYS A 43 -4.27 -13.03 14.12
C LYS A 43 -3.36 -13.36 12.93
N GLY A 44 -3.04 -12.33 12.16
CA GLY A 44 -2.21 -12.46 10.98
C GLY A 44 -0.74 -12.36 11.29
N LEU A 45 0.04 -12.08 10.24
CA LEU A 45 1.48 -12.10 10.31
C LEU A 45 2.00 -10.68 10.45
N GLU A 46 3.01 -10.51 11.31
CA GLU A 46 3.63 -9.21 11.55
C GLU A 46 5.14 -9.37 11.52
N TRP A 47 5.78 -8.64 10.60
CA TRP A 47 7.24 -8.64 10.52
C TRP A 47 7.83 -7.93 11.73
N VAL A 48 8.88 -8.54 12.30
CA VAL A 48 9.46 -8.07 13.57
C VAL A 48 10.80 -7.38 13.35
N SER A 49 11.76 -8.11 12.77
CA SER A 49 13.12 -7.61 12.67
C SER A 49 13.87 -8.42 11.61
N GLY A 50 14.87 -7.80 11.02
CA GLY A 50 15.72 -8.47 10.05
C GLY A 50 17.16 -8.06 10.22
N ILE A 51 18.06 -8.93 9.78
CA ILE A 51 19.49 -8.72 9.89
C ILE A 51 20.19 -9.23 8.63
N SER A 52 21.21 -8.49 8.16
CA SER A 52 21.96 -8.86 6.98
C SER A 52 22.86 -10.06 7.23
N GLY A 53 23.38 -10.62 6.14
CA GLY A 53 24.22 -11.82 6.24
C GLY A 53 25.43 -11.62 7.13
N GLY A 54 26.14 -10.49 6.99
CA GLY A 54 27.30 -10.21 7.82
C GLY A 54 27.01 -9.65 9.21
N GLY A 55 25.76 -9.30 9.49
CA GLY A 55 25.37 -8.77 10.78
C GLY A 55 25.45 -7.27 10.95
N ARG A 56 25.94 -6.53 9.94
CA ARG A 56 26.13 -5.10 10.16
C ARG A 56 24.86 -4.27 9.98
N ASP A 57 23.85 -4.79 9.31
CA ASP A 57 22.59 -4.06 9.12
C ASP A 57 21.47 -4.77 9.86
N THR A 58 20.66 -3.99 10.57
CA THR A 58 19.49 -4.51 11.25
C THR A 58 18.30 -3.61 10.94
N TYR A 59 17.10 -4.19 11.04
CA TYR A 59 15.87 -3.48 10.78
C TYR A 59 14.81 -3.96 11.74
N PHE A 60 13.95 -3.04 12.18
CA PHE A 60 12.94 -3.37 13.18
C PHE A 60 11.60 -2.76 12.79
N ALA A 61 10.53 -3.43 13.19
CA ALA A 61 9.21 -2.83 13.15
C ALA A 61 9.11 -1.75 14.22
N ASP A 62 8.28 -0.73 13.95
CA ASP A 62 8.17 0.35 14.92
C ASP A 62 7.65 -0.15 16.27
N SER A 63 6.81 -1.16 16.27
CA SER A 63 6.24 -1.68 17.52
C SER A 63 7.30 -2.30 18.46
N VAL A 64 8.49 -2.61 17.97
CA VAL A 64 9.52 -3.21 18.81
C VAL A 64 10.81 -2.40 18.84
N LYS A 65 10.86 -1.24 18.19
CA LYS A 65 12.11 -0.47 18.21
C LYS A 65 12.39 0.00 19.63
N GLY A 66 13.68 0.12 19.96
CA GLY A 66 14.07 0.44 21.31
C GLY A 66 13.84 -0.65 22.33
N ARG A 67 13.22 -1.75 21.95
CA ARG A 67 12.94 -2.86 22.86
C ARG A 67 13.54 -4.19 22.43
N PHE A 68 13.47 -4.53 21.15
CA PHE A 68 13.97 -5.79 20.64
C PHE A 68 15.34 -5.56 20.02
N THR A 69 16.19 -6.58 20.08
CA THR A 69 17.51 -6.53 19.43
C THR A 69 17.74 -7.85 18.70
N ILE A 70 18.15 -7.79 17.44
CA ILE A 70 18.39 -8.99 16.64
C ILE A 70 19.90 -9.16 16.48
N SER A 71 20.36 -10.40 16.55
CA SER A 71 21.79 -10.68 16.37
C SER A 71 21.98 -12.09 15.84
N ARG A 72 23.23 -12.40 15.52
CA ARG A 72 23.54 -13.71 14.95
C ARG A 72 24.99 -14.07 15.25
N ASP A 73 25.25 -15.38 15.19
CA ASP A 73 26.57 -15.95 15.42
C ASP A 73 26.79 -16.93 14.26
N ASN A 74 27.57 -16.51 13.25
CA ASN A 74 27.82 -17.40 12.12
C ASN A 74 28.65 -18.61 12.50
N SER A 75 29.40 -18.54 13.59
CA SER A 75 30.24 -19.68 13.98
C SER A 75 29.40 -20.87 14.44
N LYS A 76 28.19 -20.65 14.93
CA LYS A 76 27.32 -21.77 15.28
C LYS A 76 25.99 -21.76 14.53
N ASN A 77 25.91 -21.06 13.40
CA ASN A 77 24.71 -21.05 12.53
C ASN A 77 23.46 -20.75 13.34
N THR A 78 23.51 -19.70 14.15
CA THR A 78 22.45 -19.38 15.10
C THR A 78 22.00 -17.94 14.94
N LEU A 79 20.70 -17.74 15.00
CA LEU A 79 20.07 -16.43 14.97
C LEU A 79 19.40 -16.18 16.32
N TYR A 80 19.46 -14.94 16.80
CA TYR A 80 18.90 -14.59 18.11
C TYR A 80 17.93 -13.42 18.00
N LEU A 81 16.95 -13.40 18.91
CA LEU A 81 16.08 -12.25 19.13
C LEU A 81 16.09 -11.93 20.63
N GLN A 82 16.68 -10.79 20.99
CA GLN A 82 16.68 -10.30 22.37
C GLN A 82 15.44 -9.44 22.56
N MET A 83 14.50 -9.92 23.37
CA MET A 83 13.23 -9.24 23.61
C MET A 83 13.28 -8.59 24.98
N ASN A 84 13.39 -7.26 25.05
CA ASN A 84 13.45 -6.55 26.32
C ASN A 84 12.16 -5.77 26.55
N SER A 85 11.93 -5.41 27.82
CA SER A 85 10.76 -4.65 28.27
C SER A 85 9.49 -5.13 27.55
N LEU A 86 9.17 -6.40 27.79
CA LEU A 86 8.09 -7.07 27.07
C LEU A 86 6.73 -6.49 27.45
N LYS A 87 5.80 -6.53 26.50
CA LYS A 87 4.42 -6.12 26.70
C LYS A 87 3.49 -7.29 26.40
N GLY A 88 2.27 -7.22 26.94
CA GLY A 88 1.34 -8.32 26.72
C GLY A 88 1.07 -8.59 25.25
N GLU A 89 1.02 -7.52 24.43
CA GLU A 89 0.76 -7.74 23.01
C GLU A 89 1.96 -8.30 22.26
N ASP A 90 3.07 -8.59 22.94
CA ASP A 90 4.14 -9.36 22.33
C ASP A 90 3.88 -10.86 22.38
N THR A 91 2.79 -11.29 23.02
CA THR A 91 2.38 -12.69 23.03
C THR A 91 2.08 -13.15 21.61
N ALA A 92 2.80 -14.18 21.14
CA ALA A 92 2.75 -14.59 19.74
C ALA A 92 3.60 -15.83 19.51
N VAL A 93 3.36 -16.51 18.38
CA VAL A 93 4.33 -17.45 17.83
C VAL A 93 5.37 -16.64 17.08
N TYR A 94 6.65 -16.88 17.37
CA TYR A 94 7.76 -16.22 16.69
C TYR A 94 8.42 -17.21 15.73
N TYR A 95 8.44 -16.86 14.44
CA TYR A 95 9.03 -17.67 13.38
C TYR A 95 10.39 -17.13 12.99
N CYS A 96 11.35 -18.04 12.84
CA CYS A 96 12.62 -17.74 12.21
C CYS A 96 12.51 -17.98 10.71
N VAL A 97 12.91 -17.01 9.89
CA VAL A 97 12.75 -17.14 8.44
C VAL A 97 14.00 -16.65 7.69
N LYS A 98 14.33 -17.39 6.63
CA LYS A 98 15.47 -17.08 5.79
C LYS A 98 15.13 -15.88 4.91
N TRP A 99 16.08 -14.95 4.78
CA TRP A 99 15.84 -13.66 4.12
C TRP A 99 17.00 -13.28 3.19
N GLY A 100 17.41 -14.16 2.32
CA GLY A 100 18.46 -13.63 1.48
C GLY A 100 18.05 -12.77 0.30
N ASN A 101 16.76 -12.45 0.10
CA ASN A 101 16.24 -11.98 -1.18
C ASN A 101 14.96 -11.16 -0.92
N ILE A 102 14.19 -10.91 -1.99
CA ILE A 102 12.97 -10.07 -1.97
C ILE A 102 11.79 -10.90 -1.52
N TYR A 103 12.06 -12.08 -0.97
CA TYR A 103 11.02 -12.94 -0.43
C TYR A 103 11.53 -13.61 0.84
N PHE A 104 10.62 -14.29 1.54
CA PHE A 104 10.95 -15.17 2.68
C PHE A 104 10.68 -16.61 2.25
N ASP A 105 11.74 -17.36 1.89
CA ASP A 105 11.52 -18.65 1.23
C ASP A 105 11.39 -19.84 2.18
N TYR A 106 11.93 -19.76 3.39
CA TYR A 106 11.82 -20.86 4.36
C TYR A 106 11.54 -20.31 5.74
N TRP A 107 10.58 -20.95 6.43
CA TRP A 107 10.09 -20.56 7.75
C TRP A 107 10.17 -21.76 8.68
N GLY A 108 10.69 -21.55 9.89
CA GLY A 108 10.60 -22.57 10.92
C GLY A 108 9.18 -22.67 11.42
N GLN A 109 8.94 -23.66 12.27
CA GLN A 109 7.59 -23.88 12.76
C GLN A 109 7.21 -22.97 13.93
N GLY A 110 8.14 -22.21 14.50
CA GLY A 110 7.77 -21.17 15.45
C GLY A 110 7.89 -21.60 16.90
N THR A 111 8.01 -20.61 17.81
CA THR A 111 7.98 -20.86 19.25
C THR A 111 7.08 -19.82 19.93
N LEU A 112 6.29 -20.29 20.90
CA LEU A 112 5.25 -19.47 21.50
C LEU A 112 5.79 -18.73 22.73
N VAL A 113 5.74 -17.40 22.67
CA VAL A 113 6.11 -16.54 23.78
C VAL A 113 4.82 -16.01 24.42
N THR A 114 4.68 -16.16 25.73
CA THR A 114 3.52 -15.68 26.46
C THR A 114 3.98 -14.62 27.46
N VAL A 115 3.43 -13.42 27.35
CA VAL A 115 3.76 -12.30 28.22
C VAL A 115 2.51 -11.99 29.03
N SER A 116 2.55 -12.24 30.33
CA SER A 116 1.36 -12.04 31.16
C SER A 116 1.76 -12.09 32.63
N SER A 117 0.98 -11.40 33.46
CA SER A 117 1.20 -11.44 34.89
C SER A 117 0.45 -12.57 35.58
N ALA A 118 -0.46 -13.26 34.89
CA ALA A 118 -1.14 -14.40 35.50
C ALA A 118 -0.12 -15.49 35.85
N SER A 119 -0.44 -16.29 36.85
CA SER A 119 0.46 -17.34 37.33
C SER A 119 0.08 -18.67 36.73
N THR A 120 1.10 -19.52 36.51
CA THR A 120 0.89 -20.85 35.94
C THR A 120 -0.11 -21.63 36.78
N LYS A 121 -1.06 -22.30 36.14
CA LYS A 121 -2.11 -22.97 36.91
C LYS A 121 -2.73 -24.07 36.04
N GLY A 122 -2.94 -25.24 36.62
CA GLY A 122 -3.68 -26.29 35.98
C GLY A 122 -5.19 -26.06 35.94
N PRO A 123 -5.85 -26.65 34.95
CA PRO A 123 -7.28 -26.35 34.71
C PRO A 123 -8.21 -27.01 35.71
N SER A 124 -9.43 -26.47 35.78
CA SER A 124 -10.56 -27.13 36.43
C SER A 124 -11.43 -27.74 35.34
N VAL A 125 -11.69 -29.04 35.44
CA VAL A 125 -12.40 -29.77 34.40
C VAL A 125 -13.79 -30.10 34.92
N PHE A 126 -14.81 -29.48 34.34
CA PHE A 126 -16.18 -29.73 34.76
C PHE A 126 -16.94 -30.52 33.70
N PRO A 127 -17.92 -31.34 34.11
CA PRO A 127 -18.67 -32.13 33.12
C PRO A 127 -19.74 -31.30 32.42
N LEU A 128 -19.93 -31.58 31.12
CA LEU A 128 -21.06 -31.07 30.33
C LEU A 128 -21.96 -32.29 30.07
N ALA A 129 -22.91 -32.52 31.00
CA ALA A 129 -23.67 -33.77 31.02
C ALA A 129 -24.70 -33.80 29.89
N PRO A 130 -24.93 -34.97 29.28
CA PRO A 130 -26.10 -35.11 28.40
C PRO A 130 -27.38 -35.08 29.22
N SER A 131 -28.43 -34.52 28.63
CA SER A 131 -29.66 -34.24 29.39
C SER A 131 -30.83 -35.14 28.98
N GLY A 138 -32.38 -39.53 19.69
CA GLY A 138 -31.51 -40.34 18.87
C GLY A 138 -30.04 -40.01 19.12
N THR A 139 -29.72 -38.71 19.09
CA THR A 139 -28.36 -38.22 19.25
C THR A 139 -28.25 -37.43 20.56
N ALA A 140 -27.19 -37.68 21.32
CA ALA A 140 -26.90 -36.96 22.57
C ALA A 140 -25.55 -36.26 22.47
N ALA A 141 -25.46 -35.08 23.07
CA ALA A 141 -24.20 -34.35 23.16
C ALA A 141 -23.73 -34.26 24.61
N LEU A 142 -22.42 -34.36 24.79
CA LEU A 142 -21.78 -34.31 26.10
C LEU A 142 -20.38 -33.74 25.91
N GLY A 143 -19.75 -33.36 27.01
CA GLY A 143 -18.45 -32.73 26.88
C GLY A 143 -17.79 -32.50 28.23
N CYS A 144 -16.71 -31.73 28.17
CA CYS A 144 -15.91 -31.33 29.31
C CYS A 144 -15.58 -29.86 29.13
N LEU A 145 -15.81 -29.08 30.20
CA LEU A 145 -15.38 -27.69 30.29
C LEU A 145 -14.02 -27.66 30.98
N VAL A 146 -13.01 -27.17 30.27
CA VAL A 146 -11.62 -27.17 30.73
C VAL A 146 -11.28 -25.72 31.00
N LYS A 147 -11.41 -25.31 32.25
CA LYS A 147 -11.53 -23.90 32.59
C LYS A 147 -10.34 -23.43 33.43
N ASP A 148 -9.93 -22.18 33.20
CA ASP A 148 -9.01 -21.46 34.09
C ASP A 148 -7.63 -22.11 34.18
N TYR A 149 -7.01 -22.33 33.02
CA TYR A 149 -5.64 -22.81 33.03
C TYR A 149 -4.71 -21.77 32.41
N PHE A 150 -3.41 -21.92 32.70
CA PHE A 150 -2.47 -20.93 32.20
C PHE A 150 -1.02 -21.45 32.31
N PRO A 151 -0.17 -21.21 31.29
CA PRO A 151 -0.47 -20.71 29.94
C PRO A 151 -0.96 -21.82 29.03
N GLU A 152 -1.05 -21.55 27.71
CA GLU A 152 -1.22 -22.62 26.73
C GLU A 152 -0.01 -23.53 26.73
N PRO A 153 -0.14 -24.77 26.20
CA PRO A 153 -1.33 -25.44 25.67
C PRO A 153 -1.92 -26.54 26.57
N VAL A 154 -3.11 -27.02 26.20
CA VAL A 154 -3.69 -28.24 26.78
C VAL A 154 -4.03 -29.19 25.64
N THR A 155 -3.90 -30.50 25.89
CA THR A 155 -4.41 -31.52 25.00
C THR A 155 -5.60 -32.22 25.65
N VAL A 156 -6.57 -32.60 24.82
CA VAL A 156 -7.76 -33.33 25.25
C VAL A 156 -7.95 -34.54 24.36
N SER A 157 -8.29 -35.69 24.98
CA SER A 157 -8.79 -36.85 24.25
C SER A 157 -9.99 -37.39 25.02
N TRP A 158 -10.67 -38.36 24.42
CA TRP A 158 -11.80 -39.03 25.03
C TRP A 158 -11.56 -40.53 25.05
N ASN A 159 -11.70 -41.14 26.24
CA ASN A 159 -11.50 -42.58 26.41
C ASN A 159 -10.11 -42.97 25.92
N SER A 160 -9.13 -42.10 26.20
CA SER A 160 -7.73 -42.35 25.86
C SER A 160 -7.55 -42.52 24.35
N GLY A 161 -8.47 -41.92 23.56
CA GLY A 161 -8.41 -41.96 22.12
C GLY A 161 -9.39 -42.90 21.45
N ALA A 162 -10.16 -43.68 22.22
CA ALA A 162 -11.08 -44.64 21.62
C ALA A 162 -12.32 -43.96 21.04
N LEU A 163 -12.59 -42.73 21.45
CA LEU A 163 -13.70 -41.93 20.93
C LEU A 163 -13.11 -40.74 20.18
N THR A 164 -13.26 -40.73 18.85
CA THR A 164 -12.78 -39.61 18.04
C THR A 164 -13.87 -39.08 17.12
N SER A 165 -14.74 -39.97 16.64
CA SER A 165 -15.83 -39.56 15.77
C SER A 165 -16.76 -38.60 16.48
N GLY A 166 -17.03 -37.45 15.85
CA GLY A 166 -17.90 -36.45 16.43
C GLY A 166 -17.32 -35.65 17.57
N VAL A 167 -16.02 -35.80 17.84
CA VAL A 167 -15.36 -35.00 18.87
C VAL A 167 -14.98 -33.65 18.31
N HIS A 168 -15.33 -32.58 19.03
CA HIS A 168 -14.91 -31.24 18.71
C HIS A 168 -14.25 -30.64 19.93
N THR A 169 -12.95 -30.37 19.83
CA THR A 169 -12.20 -29.75 20.92
C THR A 169 -11.93 -28.32 20.49
N PHE A 170 -12.55 -27.36 21.18
CA PHE A 170 -12.52 -26.03 20.62
C PHE A 170 -11.19 -25.32 20.90
N PRO A 171 -10.78 -24.40 20.04
CA PRO A 171 -9.65 -23.52 20.39
C PRO A 171 -9.95 -22.77 21.68
N ALA A 172 -8.92 -22.60 22.51
CA ALA A 172 -9.09 -21.92 23.80
C ALA A 172 -9.40 -20.43 23.60
N VAL A 173 -10.15 -19.87 24.54
CA VAL A 173 -10.35 -18.43 24.57
C VAL A 173 -9.59 -17.90 25.76
N LEU A 174 -9.06 -16.69 25.62
CA LEU A 174 -8.48 -15.98 26.75
C LEU A 174 -9.62 -15.26 27.48
N GLN A 175 -9.88 -15.69 28.70
CA GLN A 175 -10.94 -15.09 29.50
C GLN A 175 -10.54 -13.71 30.02
N SER A 176 -11.55 -12.91 30.36
CA SER A 176 -11.27 -11.60 30.92
C SER A 176 -10.40 -11.68 32.17
N SER A 177 -10.42 -12.80 32.89
CA SER A 177 -9.52 -12.96 34.02
C SER A 177 -8.05 -13.11 33.60
N GLY A 178 -7.77 -13.36 32.33
CA GLY A 178 -6.41 -13.63 31.90
C GLY A 178 -6.03 -15.08 31.90
N LEU A 179 -6.97 -15.98 32.21
CA LEU A 179 -6.79 -17.42 32.15
C LEU A 179 -7.53 -17.98 30.94
N TYR A 180 -7.00 -19.06 30.36
CA TYR A 180 -7.62 -19.70 29.21
C TYR A 180 -8.73 -20.66 29.62
N SER A 181 -9.63 -20.91 28.68
CA SER A 181 -10.67 -21.91 28.87
C SER A 181 -11.10 -22.44 27.50
N LEU A 182 -11.47 -23.73 27.46
CA LEU A 182 -11.98 -24.36 26.25
C LEU A 182 -12.99 -25.43 26.63
N SER A 183 -13.77 -25.84 25.64
CA SER A 183 -14.64 -27.00 25.78
C SER A 183 -14.26 -28.05 24.74
N SER A 184 -14.46 -29.31 25.11
CA SER A 184 -14.40 -30.43 24.19
C SER A 184 -15.74 -31.16 24.31
N VAL A 185 -16.39 -31.38 23.18
CA VAL A 185 -17.71 -32.00 23.17
C VAL A 185 -17.71 -33.12 22.15
N VAL A 186 -18.67 -34.03 22.29
CA VAL A 186 -18.81 -35.15 21.37
C VAL A 186 -20.27 -35.57 21.38
N THR A 187 -20.73 -36.05 20.22
CA THR A 187 -22.08 -36.58 20.05
C THR A 187 -22.03 -38.10 19.98
N VAL A 188 -22.89 -38.75 20.74
CA VAL A 188 -22.94 -40.21 20.84
C VAL A 188 -24.40 -40.63 20.72
N PRO A 189 -24.66 -41.89 20.38
CA PRO A 189 -26.05 -42.37 20.42
C PRO A 189 -26.58 -42.36 21.84
N SER A 190 -27.84 -41.92 21.99
CA SER A 190 -28.47 -41.92 23.31
C SER A 190 -28.66 -43.33 23.84
N SER A 191 -28.79 -44.31 22.94
CA SER A 191 -28.92 -45.72 23.34
C SER A 191 -27.78 -46.15 24.26
N SER A 192 -26.58 -45.64 24.04
CA SER A 192 -25.36 -46.11 24.68
C SER A 192 -25.12 -45.53 26.07
N LEU A 193 -25.90 -44.51 26.46
CA LEU A 193 -25.54 -43.69 27.61
C LEU A 193 -25.54 -44.48 28.91
N GLY A 194 -26.42 -45.46 29.05
CA GLY A 194 -26.47 -46.23 30.28
C GLY A 194 -25.53 -47.41 30.37
N THR A 195 -24.66 -47.62 29.39
CA THR A 195 -23.77 -48.77 29.44
C THR A 195 -22.33 -48.36 29.13
N GLN A 196 -22.15 -47.27 28.39
CA GLN A 196 -20.85 -46.80 27.95
C GLN A 196 -20.34 -45.72 28.89
N THR A 197 -19.06 -45.73 29.14
CA THR A 197 -18.42 -44.77 30.02
C THR A 197 -17.65 -43.76 29.19
N TYR A 198 -17.88 -42.49 29.43
CA TYR A 198 -17.22 -41.44 28.67
C TYR A 198 -16.31 -40.67 29.61
N ILE A 199 -15.02 -40.71 29.31
CA ILE A 199 -14.00 -40.03 30.12
C ILE A 199 -13.26 -39.07 29.20
N CYS A 200 -13.10 -37.81 29.64
CA CYS A 200 -12.23 -36.87 28.95
C CYS A 200 -10.87 -36.83 29.66
N ASN A 201 -9.80 -36.92 28.88
CA ASN A 201 -8.43 -36.93 29.40
C ASN A 201 -7.78 -35.61 29.03
N VAL A 202 -7.41 -34.83 30.05
CA VAL A 202 -6.89 -33.48 29.86
C VAL A 202 -5.45 -33.45 30.37
N ASN A 203 -4.53 -32.89 29.59
CA ASN A 203 -3.14 -32.73 29.98
C ASN A 203 -2.70 -31.30 29.82
N HIS A 204 -2.02 -30.77 30.84
CA HIS A 204 -1.51 -29.41 30.87
C HIS A 204 -0.07 -29.52 31.36
N LYS A 205 0.85 -29.68 30.41
CA LYS A 205 2.26 -29.83 30.75
C LYS A 205 2.82 -28.65 31.56
N PRO A 206 2.49 -27.38 31.29
CA PRO A 206 3.15 -26.30 32.04
C PRO A 206 2.95 -26.37 33.55
N SER A 207 1.85 -26.94 34.06
CA SER A 207 1.67 -27.14 35.50
C SER A 207 1.80 -28.60 35.92
N ASN A 208 2.19 -29.50 35.00
CA ASN A 208 2.31 -30.94 35.27
C ASN A 208 0.97 -31.55 35.70
N THR A 209 -0.13 -31.07 35.11
CA THR A 209 -1.48 -31.49 35.49
C THR A 209 -2.06 -32.49 34.49
N LYS A 210 -2.65 -33.55 35.03
CA LYS A 210 -3.32 -34.61 34.28
C LYS A 210 -4.66 -34.86 34.97
N VAL A 211 -5.75 -34.83 34.20
CA VAL A 211 -7.10 -35.05 34.74
C VAL A 211 -7.82 -36.06 33.86
N ASP A 212 -8.45 -37.05 34.48
CA ASP A 212 -9.39 -37.95 33.80
C ASP A 212 -10.78 -37.80 34.39
N LYS A 213 -11.64 -37.05 33.71
CA LYS A 213 -12.95 -36.68 34.21
C LYS A 213 -14.04 -37.51 33.54
N LYS A 214 -14.79 -38.24 34.33
CA LYS A 214 -15.83 -39.05 33.73
C LYS A 214 -17.13 -38.27 33.72
N VAL A 215 -17.84 -38.35 32.60
CA VAL A 215 -19.00 -37.51 32.31
C VAL A 215 -20.23 -38.40 32.20
N GLU A 216 -21.23 -38.13 33.06
CA GLU A 216 -22.39 -38.95 33.38
C GLU A 216 -23.70 -38.21 33.09
N PRO A 217 -24.76 -38.94 32.75
CA PRO A 217 -26.10 -38.33 32.72
C PRO A 217 -26.44 -37.75 34.09
N LYS A 218 -27.15 -36.63 34.06
CA LYS A 218 -27.41 -35.90 35.30
C LYS A 218 -28.84 -36.11 35.82
N ASP B 1 3.91 3.47 6.84
CA ASP B 1 3.93 2.06 6.49
C ASP B 1 2.98 1.80 5.34
N ILE B 2 3.40 0.92 4.42
CA ILE B 2 2.52 0.54 3.33
C ILE B 2 1.46 -0.42 3.87
N GLN B 3 0.20 -0.09 3.63
CA GLN B 3 -0.91 -0.90 4.09
C GLN B 3 -1.31 -1.87 2.99
N MET B 4 -1.37 -3.16 3.31
CA MET B 4 -1.81 -4.21 2.41
C MET B 4 -3.23 -4.64 2.77
N THR B 5 -4.13 -4.62 1.78
CA THR B 5 -5.47 -5.16 1.96
C THR B 5 -5.69 -6.29 0.96
N GLN B 6 -6.65 -7.16 1.30
CA GLN B 6 -6.95 -8.32 0.47
C GLN B 6 -8.46 -8.42 0.30
N SER B 7 -8.86 -8.92 -0.87
CA SER B 7 -10.26 -9.14 -1.14
C SER B 7 -10.42 -10.46 -1.88
N PRO B 8 -11.47 -11.25 -1.57
CA PRO B 8 -12.40 -11.11 -0.44
C PRO B 8 -11.71 -11.62 0.83
N SER B 9 -12.26 -11.39 2.04
CA SER B 9 -11.61 -11.91 3.24
C SER B 9 -11.79 -13.41 3.40
N SER B 10 -12.82 -13.98 2.78
CA SER B 10 -12.96 -15.43 2.76
C SER B 10 -13.81 -15.80 1.57
N LEU B 11 -13.66 -17.05 1.12
CA LEU B 11 -14.46 -17.50 -0.01
C LEU B 11 -14.55 -19.02 0.04
N SER B 12 -15.63 -19.53 -0.54
CA SER B 12 -15.93 -20.95 -0.60
C SER B 12 -15.82 -21.41 -2.04
N ALA B 13 -15.18 -22.56 -2.25
CA ALA B 13 -15.00 -23.04 -3.62
C ALA B 13 -14.99 -24.56 -3.63
N SER B 14 -15.18 -25.12 -4.82
CA SER B 14 -15.22 -26.56 -5.03
C SER B 14 -13.89 -27.04 -5.62
N VAL B 15 -13.59 -28.32 -5.37
CA VAL B 15 -12.47 -28.96 -6.07
C VAL B 15 -12.67 -28.84 -7.57
N GLY B 16 -11.62 -28.40 -8.27
CA GLY B 16 -11.67 -28.19 -9.70
C GLY B 16 -11.96 -26.75 -10.13
N ASP B 17 -12.41 -25.90 -9.21
CA ASP B 17 -12.68 -24.49 -9.51
C ASP B 17 -11.36 -23.76 -9.80
N SER B 18 -11.49 -22.61 -10.48
CA SER B 18 -10.43 -21.64 -10.61
C SER B 18 -10.87 -20.42 -9.80
N ILE B 19 -10.06 -19.99 -8.84
CA ILE B 19 -10.43 -18.85 -8.02
C ILE B 19 -9.34 -17.79 -8.12
N THR B 20 -9.71 -16.56 -7.76
CA THR B 20 -8.74 -15.49 -7.67
C THR B 20 -8.93 -14.70 -6.39
N ILE B 21 -7.81 -14.33 -5.81
CA ILE B 21 -7.70 -13.51 -4.61
C ILE B 21 -7.01 -12.23 -5.03
N THR B 22 -7.40 -11.14 -4.41
CA THR B 22 -6.96 -9.80 -4.78
C THR B 22 -6.22 -9.15 -3.61
N CYS B 23 -5.14 -8.44 -3.92
CA CYS B 23 -4.30 -7.78 -2.94
C CYS B 23 -4.06 -6.37 -3.43
N ARG B 24 -4.14 -5.40 -2.52
CA ARG B 24 -3.93 -3.99 -2.86
C ARG B 24 -2.92 -3.36 -1.91
N ALA B 25 -1.96 -2.62 -2.49
CA ALA B 25 -0.98 -1.86 -1.74
C ALA B 25 -1.37 -0.40 -1.77
N SER B 26 -1.15 0.30 -0.64
CA SER B 26 -1.59 1.69 -0.52
C SER B 26 -0.66 2.66 -1.22
N LEU B 27 0.50 2.18 -1.68
CA LEU B 27 1.46 2.91 -2.48
C LEU B 27 1.99 1.95 -3.53
N SER B 28 2.48 2.51 -4.64
CA SER B 28 3.08 1.67 -5.68
C SER B 28 4.27 0.89 -5.12
N ILE B 29 4.32 -0.41 -5.39
CA ILE B 29 5.42 -1.26 -4.97
C ILE B 29 5.99 -2.04 -6.16
N ASN B 30 5.78 -1.54 -7.39
CA ASN B 30 6.25 -2.22 -8.60
C ASN B 30 5.84 -3.69 -8.62
N THR B 31 6.81 -4.61 -8.61
CA THR B 31 6.49 -6.04 -8.48
C THR B 31 7.09 -6.67 -7.23
N PHE B 32 7.35 -5.86 -6.19
CA PHE B 32 7.92 -6.36 -4.92
C PHE B 32 6.79 -6.87 -4.03
N LEU B 33 6.26 -8.03 -4.43
CA LEU B 33 5.02 -8.54 -3.85
C LEU B 33 5.05 -10.06 -3.82
N ASN B 34 4.89 -10.64 -2.62
CA ASN B 34 4.94 -12.09 -2.44
C ASN B 34 3.60 -12.64 -1.98
N TRP B 35 3.34 -13.91 -2.26
CA TRP B 35 2.12 -14.58 -1.79
C TRP B 35 2.51 -15.80 -0.96
N TYR B 36 1.88 -15.97 0.19
CA TYR B 36 2.15 -17.10 1.07
C TYR B 36 0.84 -17.83 1.35
N GLN B 37 0.98 -19.13 1.63
CA GLN B 37 -0.10 -19.99 2.11
C GLN B 37 0.19 -20.40 3.55
N GLN B 38 -0.86 -20.56 4.36
CA GLN B 38 -0.71 -21.09 5.70
C GLN B 38 -1.90 -21.98 6.03
N LYS B 39 -1.65 -23.10 6.54
CA LYS B 39 -2.66 -24.01 7.06
C LYS B 39 -2.65 -23.97 8.58
N PRO B 40 -3.77 -24.28 9.23
CA PRO B 40 -3.83 -24.16 10.70
C PRO B 40 -2.75 -24.99 11.38
N GLY B 41 -2.16 -24.40 12.41
CA GLY B 41 -1.15 -25.11 13.15
C GLY B 41 0.21 -25.18 12.50
N LYS B 42 0.44 -24.53 11.36
CA LYS B 42 1.80 -24.60 10.83
C LYS B 42 2.26 -23.26 10.28
N ALA B 43 3.55 -23.19 9.98
CA ALA B 43 4.19 -22.00 9.46
C ALA B 43 3.79 -21.73 8.02
N PRO B 44 3.84 -20.47 7.59
CA PRO B 44 3.49 -20.14 6.20
C PRO B 44 4.49 -20.74 5.23
N ASN B 45 4.10 -20.81 3.96
CA ASN B 45 5.13 -21.10 2.97
C ASN B 45 4.91 -20.31 1.70
N LEU B 46 6.05 -20.00 1.07
CA LEU B 46 6.09 -19.12 -0.07
C LEU B 46 5.49 -19.80 -1.29
N LEU B 47 4.68 -19.04 -2.02
CA LEU B 47 4.05 -19.50 -3.24
C LEU B 47 4.61 -18.75 -4.45
N ILE B 48 4.56 -17.42 -4.42
CA ILE B 48 4.84 -16.55 -5.54
C ILE B 48 5.77 -15.46 -5.04
N TYR B 49 6.78 -15.12 -5.82
CA TYR B 49 7.60 -13.97 -5.49
C TYR B 49 7.70 -13.06 -6.71
N ALA B 50 8.07 -11.80 -6.48
CA ALA B 50 8.18 -10.83 -7.59
C ALA B 50 6.88 -10.76 -8.38
N ALA B 51 5.78 -11.07 -7.70
CA ALA B 51 4.38 -10.95 -8.10
C ALA B 51 3.93 -11.95 -9.15
N SER B 52 4.86 -12.60 -9.83
CA SER B 52 4.43 -13.61 -10.80
C SER B 52 5.35 -14.81 -10.90
N SER B 53 6.43 -14.90 -10.12
CA SER B 53 7.40 -15.99 -10.24
C SER B 53 7.00 -17.09 -9.27
N LEU B 54 6.99 -18.32 -9.76
CA LEU B 54 6.58 -19.46 -8.96
C LEU B 54 7.77 -20.01 -8.18
N HIS B 55 7.61 -20.13 -6.86
CA HIS B 55 8.66 -20.73 -6.04
C HIS B 55 8.84 -22.20 -6.42
N GLY B 56 10.08 -22.64 -6.49
CA GLY B 56 10.35 -24.03 -6.82
C GLY B 56 9.68 -25.00 -5.88
N GLY B 57 8.93 -25.97 -6.43
CA GLY B 57 8.21 -26.97 -5.67
C GLY B 57 6.73 -26.70 -5.52
N VAL B 58 6.29 -25.46 -5.78
CA VAL B 58 4.88 -25.09 -5.74
C VAL B 58 4.18 -25.59 -7.02
N PRO B 59 3.00 -26.22 -6.92
CA PRO B 59 2.29 -26.64 -8.13
C PRO B 59 2.02 -25.50 -9.10
N SER B 60 2.06 -25.83 -10.40
CA SER B 60 1.93 -24.82 -11.45
C SER B 60 0.51 -24.28 -11.61
N ARG B 61 -0.48 -24.83 -10.92
CA ARG B 61 -1.82 -24.25 -10.90
C ARG B 61 -1.90 -22.94 -10.09
N PHE B 62 -0.85 -22.58 -9.35
CA PHE B 62 -0.77 -21.29 -8.70
C PHE B 62 -0.11 -20.29 -9.64
N SER B 63 -0.66 -19.08 -9.70
CA SER B 63 -0.01 -18.02 -10.46
C SER B 63 -0.40 -16.67 -9.89
N GLY B 64 0.44 -15.68 -10.18
CA GLY B 64 0.21 -14.33 -9.71
C GLY B 64 0.39 -13.34 -10.84
N SER B 65 -0.25 -12.19 -10.68
CA SER B 65 -0.19 -11.15 -11.70
C SER B 65 -0.31 -9.77 -11.04
N GLY B 66 0.13 -8.75 -11.76
CA GLY B 66 -0.01 -7.39 -11.30
C GLY B 66 1.29 -6.63 -11.17
N SER B 67 1.19 -5.31 -11.14
CA SER B 67 2.29 -4.46 -10.71
C SER B 67 1.70 -3.11 -10.33
N GLY B 68 2.43 -2.41 -9.47
CA GLY B 68 1.99 -1.13 -8.98
C GLY B 68 1.32 -1.32 -7.64
N THR B 69 -0.02 -1.19 -7.62
CA THR B 69 -0.80 -1.32 -6.40
C THR B 69 -1.74 -2.53 -6.36
N ASP B 70 -2.09 -3.14 -7.50
CA ASP B 70 -3.10 -4.19 -7.55
C ASP B 70 -2.50 -5.50 -8.02
N PHE B 71 -2.78 -6.57 -7.28
CA PHE B 71 -2.17 -7.86 -7.52
C PHE B 71 -3.22 -8.94 -7.33
N THR B 72 -2.98 -10.08 -7.97
CA THR B 72 -3.96 -11.15 -8.01
C THR B 72 -3.22 -12.47 -7.87
N LEU B 73 -3.76 -13.36 -7.05
CA LEU B 73 -3.32 -14.73 -6.96
C LEU B 73 -4.43 -15.60 -7.51
N THR B 74 -4.10 -16.43 -8.48
CA THR B 74 -5.07 -17.31 -9.11
C THR B 74 -4.65 -18.75 -8.82
N ILE B 75 -5.60 -19.56 -8.39
CA ILE B 75 -5.41 -20.99 -8.25
C ILE B 75 -6.40 -21.66 -9.20
N ARG B 76 -5.88 -22.40 -10.17
CA ARG B 76 -6.76 -23.12 -11.09
C ARG B 76 -6.89 -24.56 -10.59
N THR B 77 -7.90 -25.25 -11.14
CA THR B 77 -8.18 -26.65 -10.83
C THR B 77 -7.95 -26.91 -9.35
N LEU B 78 -8.57 -26.06 -8.51
CA LEU B 78 -8.31 -26.07 -7.08
C LEU B 78 -8.37 -27.48 -6.53
N GLN B 79 -7.39 -27.82 -5.71
CA GLN B 79 -7.23 -29.16 -5.16
C GLN B 79 -7.52 -29.17 -3.67
N PRO B 80 -7.87 -30.34 -3.10
CA PRO B 80 -8.25 -30.36 -1.67
C PRO B 80 -7.17 -29.82 -0.76
N GLU B 81 -5.90 -29.93 -1.14
CA GLU B 81 -4.84 -29.41 -0.28
C GLU B 81 -4.66 -27.90 -0.38
N ASP B 82 -5.42 -27.21 -1.24
CA ASP B 82 -5.33 -25.77 -1.40
C ASP B 82 -6.26 -24.99 -0.47
N PHE B 83 -7.09 -25.68 0.31
CA PHE B 83 -7.98 -25.01 1.24
C PHE B 83 -7.17 -24.58 2.46
N ALA B 84 -7.01 -23.26 2.60
CA ALA B 84 -6.01 -22.67 3.49
C ALA B 84 -6.24 -21.17 3.53
N THR B 85 -5.38 -20.46 4.25
CA THR B 85 -5.34 -19.01 4.26
C THR B 85 -4.18 -18.53 3.38
N TYR B 86 -4.42 -17.44 2.66
CA TYR B 86 -3.45 -16.87 1.72
C TYR B 86 -3.20 -15.41 2.10
N TYR B 87 -1.92 -15.05 2.17
CA TYR B 87 -1.46 -13.72 2.53
C TYR B 87 -0.58 -13.19 1.42
N CYS B 88 -0.76 -11.91 1.10
CA CYS B 88 0.20 -11.18 0.31
C CYS B 88 1.16 -10.43 1.22
N GLN B 89 2.27 -10.00 0.64
CA GLN B 89 3.28 -9.31 1.43
C GLN B 89 4.11 -8.43 0.52
N GLN B 90 4.22 -7.15 0.84
CA GLN B 90 5.10 -6.26 0.09
C GLN B 90 6.52 -6.36 0.64
N SER B 91 7.47 -6.46 -0.27
CA SER B 91 8.88 -6.50 0.06
C SER B 91 9.57 -5.26 -0.44
N SER B 92 8.81 -4.18 -0.66
CA SER B 92 9.29 -2.97 -1.29
C SER B 92 9.98 -2.03 -0.30
N ASN B 93 9.49 -1.96 0.93
CA ASN B 93 9.97 -0.96 1.88
C ASN B 93 9.82 -1.54 3.27
N THR B 94 10.86 -1.43 4.10
CA THR B 94 10.68 -1.75 5.51
C THR B 94 9.83 -0.66 6.16
N PRO B 95 8.95 -1.01 7.12
CA PRO B 95 8.65 -2.37 7.60
C PRO B 95 7.89 -3.17 6.58
N PHE B 96 8.35 -4.38 6.30
CA PHE B 96 7.62 -5.28 5.43
C PHE B 96 6.27 -5.56 6.06
N THR B 97 5.24 -5.68 5.21
CA THR B 97 3.88 -5.74 5.73
C THR B 97 3.11 -6.79 4.97
N PHE B 98 2.25 -7.49 5.70
CA PHE B 98 1.42 -8.56 5.19
C PHE B 98 -0.04 -8.09 5.09
N GLY B 99 -0.74 -8.60 4.09
CA GLY B 99 -2.17 -8.44 4.01
C GLY B 99 -2.85 -9.17 5.16
N PRO B 100 -4.13 -8.88 5.39
CA PRO B 100 -4.82 -9.51 6.53
C PRO B 100 -5.11 -10.98 6.32
N GLY B 101 -5.00 -11.50 5.10
CA GLY B 101 -5.24 -12.91 4.81
C GLY B 101 -6.61 -13.15 4.19
N THR B 102 -6.68 -14.18 3.35
CA THR B 102 -7.94 -14.61 2.74
C THR B 102 -8.10 -16.09 3.00
N VAL B 103 -9.22 -16.47 3.61
CA VAL B 103 -9.50 -17.88 3.88
C VAL B 103 -10.29 -18.49 2.73
N VAL B 104 -9.82 -19.63 2.24
CA VAL B 104 -10.51 -20.41 1.23
C VAL B 104 -10.96 -21.69 1.91
N ASP B 105 -12.27 -21.90 2.01
CA ASP B 105 -12.77 -23.16 2.54
C ASP B 105 -13.56 -23.90 1.45
N PHE B 106 -13.90 -25.15 1.77
CA PHE B 106 -14.51 -26.07 0.82
C PHE B 106 -16.03 -25.88 0.84
N ARG B 107 -16.61 -25.67 -0.34
CA ARG B 107 -18.05 -25.45 -0.46
C ARG B 107 -18.78 -26.77 -0.45
N ARG B 108 -19.40 -27.11 0.67
CA ARG B 108 -20.35 -28.22 0.74
C ARG B 108 -21.77 -27.66 0.78
N THR B 109 -22.75 -28.54 0.94
CA THR B 109 -24.13 -28.05 1.01
C THR B 109 -24.41 -27.39 2.34
N VAL B 110 -25.37 -26.45 2.32
CA VAL B 110 -25.81 -25.78 3.53
C VAL B 110 -26.27 -26.83 4.52
N ALA B 111 -25.83 -26.69 5.79
CA ALA B 111 -26.29 -27.59 6.83
C ALA B 111 -26.57 -26.76 8.08
N ALA B 112 -27.77 -26.92 8.63
CA ALA B 112 -28.16 -26.16 9.79
C ALA B 112 -27.46 -26.72 11.03
N PRO B 113 -27.21 -25.89 12.05
CA PRO B 113 -26.62 -26.41 13.29
C PRO B 113 -27.64 -27.22 14.08
N SER B 114 -27.20 -28.36 14.62
CA SER B 114 -27.86 -28.95 15.79
C SER B 114 -27.44 -28.15 17.01
N VAL B 115 -28.41 -27.74 17.83
CA VAL B 115 -28.15 -26.79 18.90
C VAL B 115 -28.43 -27.47 20.23
N PHE B 116 -27.46 -27.38 21.14
CA PHE B 116 -27.57 -27.95 22.49
C PHE B 116 -27.25 -26.85 23.50
N ILE B 117 -27.85 -26.95 24.68
CA ILE B 117 -27.51 -26.03 25.75
C ILE B 117 -27.20 -26.86 27.00
N PHE B 118 -26.14 -26.51 27.71
CA PHE B 118 -25.70 -27.21 28.91
C PHE B 118 -25.75 -26.28 30.12
N PRO B 119 -26.50 -26.60 31.17
CA PRO B 119 -26.40 -25.81 32.42
C PRO B 119 -25.04 -25.97 33.08
N PRO B 120 -24.71 -25.11 34.05
CA PRO B 120 -23.51 -25.37 34.86
C PRO B 120 -23.64 -26.65 35.66
N SER B 121 -22.53 -27.38 35.77
CA SER B 121 -22.51 -28.54 36.67
C SER B 121 -22.61 -28.07 38.13
N ASP B 122 -23.14 -28.95 38.98
CA ASP B 122 -23.11 -28.70 40.41
C ASP B 122 -21.68 -28.61 40.95
N GLU B 123 -20.75 -29.35 40.34
CA GLU B 123 -19.37 -29.27 40.78
C GLU B 123 -18.85 -27.84 40.64
N GLN B 124 -19.11 -27.21 39.48
CA GLN B 124 -18.63 -25.84 39.27
C GLN B 124 -19.32 -24.84 40.19
N LEU B 125 -20.62 -25.01 40.45
CA LEU B 125 -21.32 -24.08 41.32
C LEU B 125 -20.67 -24.03 42.70
N LYS B 126 -20.08 -25.14 43.11
CA LYS B 126 -19.39 -25.19 44.39
C LYS B 126 -18.26 -24.17 44.45
N SER B 127 -17.55 -23.95 43.34
CA SER B 127 -16.44 -23.00 43.31
C SER B 127 -16.89 -21.53 43.25
N GLY B 128 -18.18 -21.24 43.11
CA GLY B 128 -18.64 -19.86 43.09
C GLY B 128 -18.80 -19.20 41.73
N THR B 129 -18.61 -19.93 40.62
CA THR B 129 -18.87 -19.43 39.27
C THR B 129 -19.81 -20.38 38.53
N ALA B 130 -20.42 -19.87 37.45
CA ALA B 130 -21.37 -20.65 36.67
C ALA B 130 -21.18 -20.35 35.19
N SER B 131 -20.82 -21.37 34.41
CA SER B 131 -20.72 -21.26 32.96
C SER B 131 -21.88 -22.00 32.31
N VAL B 132 -22.58 -21.32 31.40
CA VAL B 132 -23.61 -21.93 30.58
C VAL B 132 -23.03 -22.09 29.17
N VAL B 133 -23.20 -23.27 28.58
CA VAL B 133 -22.59 -23.54 27.28
C VAL B 133 -23.67 -23.81 26.24
N CYS B 134 -23.57 -23.10 25.11
CA CYS B 134 -24.39 -23.33 23.94
C CYS B 134 -23.49 -23.87 22.84
N LEU B 135 -23.89 -25.00 22.26
CA LEU B 135 -23.10 -25.69 21.25
C LEU B 135 -23.87 -25.72 19.93
N LEU B 136 -23.24 -25.22 18.88
CA LEU B 136 -23.75 -25.30 17.51
C LEU B 136 -22.89 -26.34 16.79
N ASN B 137 -23.49 -27.46 16.43
CA ASN B 137 -22.72 -28.60 15.94
C ASN B 137 -22.94 -28.84 14.46
N ASN B 138 -21.83 -28.95 13.71
CA ASN B 138 -21.80 -29.49 12.35
C ASN B 138 -22.70 -28.70 11.39
N PHE B 139 -22.34 -27.43 11.20
CA PHE B 139 -23.09 -26.55 10.30
C PHE B 139 -22.19 -26.01 9.18
N TYR B 140 -22.83 -25.52 8.12
CA TYR B 140 -22.15 -24.89 7.00
C TYR B 140 -23.13 -23.94 6.33
N PRO B 141 -22.70 -22.76 5.89
CA PRO B 141 -21.36 -22.18 5.99
C PRO B 141 -21.04 -21.67 7.40
N ARG B 142 -19.88 -21.02 7.55
CA ARG B 142 -19.32 -20.71 8.86
C ARG B 142 -20.09 -19.61 9.59
N GLU B 143 -20.75 -18.70 8.87
CA GLU B 143 -21.35 -17.54 9.53
C GLU B 143 -22.56 -17.95 10.37
N ALA B 144 -22.55 -17.52 11.63
CA ALA B 144 -23.66 -17.84 12.51
C ALA B 144 -23.72 -16.77 13.59
N LYS B 145 -24.88 -16.65 14.23
CA LYS B 145 -25.01 -15.65 15.29
C LYS B 145 -25.72 -16.29 16.46
N VAL B 146 -25.20 -16.02 17.65
CA VAL B 146 -25.70 -16.58 18.89
C VAL B 146 -25.96 -15.44 19.87
N GLN B 147 -27.16 -15.42 20.43
CA GLN B 147 -27.55 -14.37 21.35
C GLN B 147 -28.07 -15.02 22.62
N TRP B 148 -27.74 -14.47 23.78
CA TRP B 148 -28.16 -15.03 25.05
C TRP B 148 -29.23 -14.16 25.68
N LYS B 149 -30.27 -14.81 26.23
CA LYS B 149 -31.30 -14.12 27.02
C LYS B 149 -31.51 -14.87 28.33
N VAL B 150 -31.37 -14.16 29.45
CA VAL B 150 -31.65 -14.67 30.78
C VAL B 150 -32.89 -13.96 31.31
N ASP B 151 -33.94 -14.73 31.60
CA ASP B 151 -35.25 -14.17 31.97
C ASP B 151 -35.64 -13.02 31.04
N ASN B 152 -35.46 -13.23 29.74
CA ASN B 152 -35.75 -12.30 28.64
C ASN B 152 -34.75 -11.17 28.50
N ALA B 153 -33.81 -10.99 29.43
CA ALA B 153 -32.88 -9.87 29.34
C ALA B 153 -31.76 -10.25 28.38
N LEU B 154 -31.52 -9.38 27.40
CA LEU B 154 -30.49 -9.61 26.39
C LEU B 154 -29.11 -9.47 27.03
N GLN B 155 -28.31 -10.53 26.92
CA GLN B 155 -26.98 -10.57 27.54
C GLN B 155 -25.93 -10.06 26.57
N SER B 156 -25.09 -9.15 27.04
CA SER B 156 -23.99 -8.66 26.22
C SER B 156 -22.79 -8.39 27.12
N GLY B 157 -21.59 -8.68 26.60
CA GLY B 157 -20.37 -8.44 27.33
C GLY B 157 -19.86 -9.62 28.12
N ASN B 158 -20.70 -10.61 28.42
CA ASN B 158 -20.34 -11.70 29.33
C ASN B 158 -20.33 -13.08 28.66
N SER B 159 -20.20 -13.16 27.34
CA SER B 159 -20.07 -14.45 26.66
C SER B 159 -18.88 -14.44 25.72
N GLN B 160 -18.33 -15.64 25.45
CA GLN B 160 -17.25 -15.78 24.49
C GLN B 160 -17.55 -16.93 23.54
N GLU B 161 -17.13 -16.79 22.28
CA GLU B 161 -17.36 -17.83 21.29
C GLU B 161 -16.04 -18.43 20.82
N SER B 162 -16.10 -19.70 20.41
CA SER B 162 -14.97 -20.36 19.78
C SER B 162 -15.49 -21.23 18.65
N VAL B 163 -14.71 -21.34 17.57
CA VAL B 163 -15.11 -22.04 16.35
C VAL B 163 -14.02 -23.03 15.94
N THR B 164 -14.43 -24.23 15.56
CA THR B 164 -13.50 -25.24 15.09
C THR B 164 -13.03 -24.92 13.66
N GLU B 165 -11.94 -25.57 13.27
CA GLU B 165 -11.58 -25.53 11.87
C GLU B 165 -12.58 -26.39 11.08
N GLN B 166 -12.65 -26.15 9.77
CA GLN B 166 -13.55 -26.95 8.94
C GLN B 166 -13.15 -28.42 9.03
N ASP B 167 -14.14 -29.28 9.18
CA ASP B 167 -13.88 -30.70 9.36
C ASP B 167 -13.35 -31.37 8.09
N SER B 168 -12.43 -32.32 8.26
CA SER B 168 -11.83 -33.02 7.13
C SER B 168 -12.78 -34.04 6.49
N LYS B 169 -13.67 -34.63 7.28
CA LYS B 169 -14.57 -35.68 6.82
C LYS B 169 -15.87 -35.11 6.24
N ASP B 170 -16.55 -34.24 6.98
CA ASP B 170 -17.83 -33.74 6.54
C ASP B 170 -17.83 -32.26 6.20
N SER B 171 -16.68 -31.58 6.31
CA SER B 171 -16.50 -30.19 5.85
C SER B 171 -17.42 -29.21 6.56
N THR B 172 -17.80 -29.49 7.81
CA THR B 172 -18.64 -28.62 8.59
C THR B 172 -17.82 -27.86 9.64
N TYR B 173 -18.49 -26.91 10.29
CA TYR B 173 -17.96 -26.18 11.43
C TYR B 173 -18.80 -26.45 12.66
N SER B 174 -18.18 -26.30 13.82
CA SER B 174 -18.90 -26.27 15.07
C SER B 174 -18.46 -25.05 15.85
N LEU B 175 -19.35 -24.57 16.71
CA LEU B 175 -19.12 -23.35 17.49
C LEU B 175 -19.69 -23.56 18.88
N SER B 176 -19.01 -22.99 19.87
CA SER B 176 -19.50 -22.95 21.25
C SER B 176 -19.62 -21.50 21.69
N SER B 177 -20.67 -21.20 22.44
CA SER B 177 -20.78 -19.92 23.11
C SER B 177 -20.93 -20.18 24.60
N THR B 178 -20.06 -19.56 25.40
CA THR B 178 -20.00 -19.79 26.83
C THR B 178 -20.42 -18.52 27.52
N LEU B 179 -21.43 -18.60 28.37
CA LEU B 179 -21.92 -17.46 29.15
C LEU B 179 -21.44 -17.64 30.59
N THR B 180 -20.72 -16.65 31.10
CA THR B 180 -20.12 -16.72 32.43
C THR B 180 -20.85 -15.77 33.36
N LEU B 181 -21.24 -16.29 34.53
CA LEU B 181 -21.93 -15.52 35.54
C LEU B 181 -21.41 -15.93 36.91
N SER B 182 -21.55 -15.04 37.89
CA SER B 182 -21.28 -15.48 39.26
C SER B 182 -22.31 -16.53 39.65
N LYS B 183 -21.96 -17.32 40.69
CA LYS B 183 -22.95 -18.21 41.27
C LYS B 183 -24.16 -17.44 41.80
N ALA B 184 -23.92 -16.32 42.47
CA ALA B 184 -25.03 -15.54 43.03
C ALA B 184 -25.95 -15.03 41.92
N ASP B 185 -25.37 -14.48 40.84
CA ASP B 185 -26.20 -14.00 39.74
C ASP B 185 -26.95 -15.16 39.08
N TYR B 186 -26.27 -16.31 38.91
CA TYR B 186 -26.90 -17.45 38.25
C TYR B 186 -28.12 -17.91 39.02
N GLU B 187 -28.05 -17.87 40.35
CA GLU B 187 -29.15 -18.37 41.18
C GLU B 187 -30.24 -17.33 41.39
N LYS B 188 -30.11 -16.12 40.86
CA LYS B 188 -31.19 -15.16 40.96
C LYS B 188 -32.17 -15.32 39.80
N HIS B 189 -31.75 -15.96 38.71
CA HIS B 189 -32.59 -16.02 37.51
C HIS B 189 -33.07 -17.44 37.22
N LYS B 190 -34.08 -17.52 36.34
CA LYS B 190 -34.84 -18.75 36.13
C LYS B 190 -34.65 -19.35 34.74
N VAL B 191 -34.87 -18.60 33.67
CA VAL B 191 -34.87 -19.14 32.30
C VAL B 191 -33.58 -18.72 31.59
N TYR B 192 -32.82 -19.70 31.11
CA TYR B 192 -31.59 -19.43 30.38
C TYR B 192 -31.76 -19.91 28.95
N ALA B 193 -31.54 -19.02 27.99
CA ALA B 193 -31.82 -19.31 26.58
C ALA B 193 -30.72 -18.79 25.67
N CYS B 194 -30.34 -19.58 24.67
CA CYS B 194 -29.48 -19.07 23.59
C CYS B 194 -30.28 -19.14 22.30
N GLU B 195 -30.25 -18.05 21.55
CA GLU B 195 -30.96 -17.93 20.29
C GLU B 195 -29.94 -17.97 19.16
N VAL B 196 -30.16 -18.86 18.19
CA VAL B 196 -29.18 -19.13 17.13
C VAL B 196 -29.78 -18.79 15.78
N THR B 197 -29.03 -18.03 14.97
CA THR B 197 -29.41 -17.66 13.62
C THR B 197 -28.39 -18.18 12.62
N HIS B 198 -28.86 -18.83 11.55
CA HIS B 198 -27.98 -19.45 10.57
C HIS B 198 -28.73 -19.62 9.26
N GLN B 199 -28.02 -19.48 8.15
CA GLN B 199 -28.71 -19.51 6.87
C GLN B 199 -29.35 -20.87 6.59
N GLY B 200 -28.92 -21.94 7.26
CA GLY B 200 -29.57 -23.23 7.15
C GLY B 200 -30.91 -23.34 7.88
N LEU B 201 -31.27 -22.36 8.69
CA LEU B 201 -32.51 -22.37 9.47
C LEU B 201 -33.49 -21.39 8.84
N SER B 202 -34.74 -21.84 8.65
CA SER B 202 -35.73 -20.92 8.09
C SER B 202 -36.19 -19.88 9.11
N SER B 203 -35.79 -20.02 10.37
CA SER B 203 -36.07 -19.07 11.44
C SER B 203 -34.97 -19.18 12.47
N PRO B 204 -34.78 -18.16 13.30
CA PRO B 204 -33.90 -18.33 14.46
C PRO B 204 -34.43 -19.45 15.35
N VAL B 205 -33.52 -20.17 15.99
CA VAL B 205 -33.89 -21.26 16.90
C VAL B 205 -33.46 -20.88 18.31
N THR B 206 -34.33 -21.13 19.29
CA THR B 206 -34.02 -20.81 20.68
C THR B 206 -34.08 -22.08 21.53
N LYS B 207 -32.94 -22.49 22.10
CA LYS B 207 -32.91 -23.55 23.11
C LYS B 207 -32.72 -22.96 24.51
N SER B 208 -33.45 -23.51 25.48
CA SER B 208 -33.46 -22.96 26.82
C SER B 208 -33.67 -24.06 27.86
N PHE B 209 -33.45 -23.70 29.12
CA PHE B 209 -33.74 -24.56 30.26
C PHE B 209 -34.13 -23.69 31.44
N ASN B 210 -34.73 -24.32 32.45
CA ASN B 210 -35.11 -23.67 33.70
C ASN B 210 -34.20 -24.15 34.82
N ARG B 211 -33.46 -23.22 35.42
CA ARG B 211 -32.63 -23.59 36.56
C ARG B 211 -33.51 -24.21 37.63
N GLY B 212 -33.16 -25.43 38.04
CA GLY B 212 -34.00 -26.21 38.93
C GLY B 212 -34.84 -27.27 38.23
N PRO C 6 20.28 6.66 -2.58
CA PRO C 6 20.84 7.17 -3.85
C PRO C 6 22.03 6.34 -4.34
N TRP C 7 21.92 5.69 -5.50
CA TRP C 7 23.06 4.94 -6.03
C TRP C 7 22.84 4.64 -7.52
N ASN C 8 23.91 4.76 -8.29
CA ASN C 8 23.86 4.57 -9.73
C ASN C 8 23.99 3.08 -10.09
N PRO C 9 23.48 2.68 -11.26
CA PRO C 9 23.44 1.24 -11.60
C PRO C 9 24.84 0.67 -11.73
N PRO C 10 24.96 -0.65 -11.61
CA PRO C 10 26.29 -1.28 -11.73
C PRO C 10 26.80 -1.19 -13.16
N THR C 11 28.12 -1.22 -13.28
CA THR C 11 28.77 -1.32 -14.56
C THR C 11 29.22 -2.76 -14.80
N PHE C 12 29.18 -3.18 -16.05
CA PHE C 12 29.49 -4.55 -16.43
C PHE C 12 30.53 -4.49 -17.53
N SER C 13 31.76 -4.93 -17.23
CA SER C 13 32.91 -4.70 -18.09
C SER C 13 33.65 -6.00 -18.41
N PRO C 14 34.30 -6.09 -19.59
CA PRO C 14 34.36 -5.11 -20.70
C PRO C 14 33.15 -5.20 -21.62
N ALA C 15 32.90 -4.20 -22.48
CA ALA C 15 31.69 -4.22 -23.29
C ALA C 15 31.70 -5.36 -24.30
N LEU C 16 32.90 -5.79 -24.69
CA LEU C 16 33.09 -6.95 -25.56
C LEU C 16 34.23 -7.78 -25.00
N LEU C 17 33.93 -9.01 -24.61
CA LEU C 17 34.94 -9.95 -24.15
C LEU C 17 35.02 -11.07 -25.18
N VAL C 18 36.22 -11.30 -25.72
CA VAL C 18 36.46 -12.38 -26.68
C VAL C 18 37.43 -13.36 -26.06
N VAL C 19 37.02 -14.64 -25.99
CA VAL C 19 37.86 -15.74 -25.54
C VAL C 19 37.74 -16.87 -26.56
N THR C 20 38.63 -17.85 -26.47
CA THR C 20 38.49 -19.03 -27.32
C THR C 20 37.87 -20.20 -26.54
N GLU C 21 37.13 -21.01 -27.27
CA GLU C 21 36.47 -22.23 -26.82
C GLU C 21 37.31 -22.98 -25.80
N GLY C 22 36.70 -23.33 -24.67
CA GLY C 22 37.36 -24.11 -23.65
C GLY C 22 38.14 -23.33 -22.60
N ASP C 23 38.35 -22.03 -22.80
CA ASP C 23 38.99 -21.20 -21.79
C ASP C 23 37.91 -20.57 -20.91
N ASN C 24 38.36 -19.91 -19.84
CA ASN C 24 37.44 -19.20 -18.96
C ASN C 24 37.26 -17.76 -19.44
N ALA C 25 36.04 -17.26 -19.30
CA ALA C 25 35.71 -15.88 -19.63
C ALA C 25 35.24 -15.17 -18.37
N THR C 26 35.82 -14.01 -18.07
CA THR C 26 35.52 -13.30 -16.83
C THR C 26 35.12 -11.87 -17.14
N PHE C 27 33.87 -11.53 -16.84
CA PHE C 27 33.40 -10.15 -16.75
C PHE C 27 33.63 -9.63 -15.32
N THR C 28 33.63 -8.32 -15.17
CA THR C 28 33.62 -7.71 -13.84
C THR C 28 32.41 -6.79 -13.72
N CYS C 29 31.54 -7.09 -12.77
CA CYS C 29 30.40 -6.23 -12.43
C CYS C 29 30.83 -5.42 -11.22
N SER C 30 30.70 -4.10 -11.30
CA SER C 30 31.12 -3.24 -10.21
C SER C 30 29.95 -2.42 -9.72
N PHE C 31 29.86 -2.33 -8.39
CA PHE C 31 28.64 -1.90 -7.71
C PHE C 31 29.02 -1.28 -6.38
N SER C 32 28.62 -0.02 -6.16
CA SER C 32 28.96 0.71 -4.92
C SER C 32 27.93 0.40 -3.84
N ASN C 33 28.37 -0.30 -2.79
CA ASN C 33 27.46 -0.90 -1.80
C ASN C 33 27.24 0.11 -0.67
N THR C 34 25.98 0.53 -0.47
CA THR C 34 25.74 1.36 0.72
C THR C 34 25.70 0.53 1.99
N SER C 35 25.43 -0.76 1.87
CA SER C 35 25.30 -1.68 2.98
C SER C 35 25.44 -3.09 2.40
N GLU C 36 25.16 -4.10 3.23
CA GLU C 36 25.22 -5.50 2.80
C GLU C 36 23.85 -6.14 2.72
N SER C 37 22.79 -5.37 2.56
CA SER C 37 21.48 -5.94 2.32
C SER C 37 21.14 -5.86 0.84
N PHE C 38 21.78 -6.73 0.06
CA PHE C 38 21.63 -6.68 -1.38
C PHE C 38 21.80 -8.08 -1.95
N VAL C 39 21.37 -8.23 -3.19
CA VAL C 39 21.69 -9.41 -3.98
C VAL C 39 22.16 -8.89 -5.33
N LEU C 40 23.09 -9.61 -5.94
CA LEU C 40 23.62 -9.27 -7.26
C LEU C 40 23.42 -10.48 -8.15
N ASN C 41 22.70 -10.29 -9.26
CA ASN C 41 22.36 -11.35 -10.20
C ASN C 41 23.12 -11.17 -11.52
N TRP C 42 23.45 -12.30 -12.14
CA TRP C 42 24.14 -12.32 -13.42
C TRP C 42 23.19 -12.90 -14.45
N TYR C 43 22.89 -12.12 -15.48
CA TYR C 43 21.88 -12.47 -16.47
C TYR C 43 22.50 -12.61 -17.84
N ARG C 44 21.92 -13.51 -18.63
CA ARG C 44 22.19 -13.62 -20.06
C ARG C 44 20.91 -13.26 -20.81
N MET C 45 21.03 -12.42 -21.84
CA MET C 45 19.88 -12.03 -22.67
C MET C 45 19.87 -12.82 -23.97
N SER C 46 18.76 -13.50 -24.24
CA SER C 46 18.61 -14.22 -25.49
C SER C 46 18.26 -13.26 -26.63
N PRO C 47 18.56 -13.65 -27.88
CA PRO C 47 18.16 -12.81 -29.03
C PRO C 47 16.67 -12.50 -29.07
N SER C 48 15.82 -13.37 -28.51
CA SER C 48 14.40 -13.09 -28.36
C SER C 48 14.10 -12.17 -27.17
N ASN C 49 15.12 -11.54 -26.58
CA ASN C 49 14.94 -10.53 -25.52
C ASN C 49 14.34 -11.10 -24.25
N GLN C 50 14.49 -12.41 -24.04
CA GLN C 50 14.25 -13.02 -22.76
C GLN C 50 15.55 -13.07 -21.96
N THR C 51 15.42 -12.95 -20.64
CA THR C 51 16.57 -12.90 -19.74
C THR C 51 16.56 -14.11 -18.82
N ASP C 52 17.73 -14.73 -18.63
CA ASP C 52 17.90 -15.88 -17.75
C ASP C 52 18.96 -15.60 -16.70
N LYS C 53 18.66 -15.92 -15.44
CA LYS C 53 19.61 -15.75 -14.35
C LYS C 53 20.61 -16.91 -14.37
N LEU C 54 21.89 -16.59 -14.58
CA LEU C 54 22.96 -17.58 -14.54
C LEU C 54 23.42 -17.89 -13.12
N ALA C 55 23.51 -16.86 -12.29
CA ALA C 55 24.12 -17.00 -10.98
C ALA C 55 23.78 -15.76 -10.16
N ALA C 56 23.95 -15.89 -8.85
CA ALA C 56 23.69 -14.77 -7.94
C ALA C 56 24.76 -14.73 -6.87
N PHE C 57 25.12 -13.53 -6.46
CA PHE C 57 25.85 -13.32 -5.21
C PHE C 57 24.89 -12.80 -4.16
N PRO C 58 24.89 -13.37 -2.94
CA PRO C 58 25.69 -14.55 -2.53
C PRO C 58 25.19 -15.87 -3.16
N GLU C 59 26.06 -16.84 -3.47
CA GLU C 59 25.61 -18.05 -4.14
C GLU C 59 25.16 -19.07 -3.11
N SER C 68 28.33 -25.46 -10.68
CA SER C 68 27.93 -25.13 -12.04
C SER C 68 28.97 -24.26 -12.72
N ARG C 69 28.73 -23.95 -14.00
CA ARG C 69 29.73 -23.34 -14.85
C ARG C 69 29.75 -21.81 -14.78
N PHE C 70 28.80 -21.20 -14.07
CA PHE C 70 28.74 -19.75 -13.93
C PHE C 70 28.96 -19.39 -12.47
N ARG C 71 30.04 -18.64 -12.21
CA ARG C 71 30.50 -18.34 -10.85
C ARG C 71 30.54 -16.84 -10.63
N VAL C 72 30.22 -16.41 -9.40
CA VAL C 72 30.33 -15.01 -9.02
C VAL C 72 31.18 -14.92 -7.77
N THR C 73 32.28 -14.16 -7.83
CA THR C 73 33.12 -13.95 -6.66
C THR C 73 33.30 -12.46 -6.39
N GLN C 74 33.26 -12.10 -5.12
CA GLN C 74 33.41 -10.71 -4.72
C GLN C 74 34.89 -10.40 -4.53
N LEU C 75 35.33 -9.26 -5.06
CA LEU C 75 36.72 -8.88 -4.84
C LEU C 75 36.86 -8.14 -3.50
N PRO C 76 38.08 -8.01 -2.95
CA PRO C 76 38.20 -7.50 -1.56
C PRO C 76 37.70 -6.07 -1.34
N ASN C 77 37.61 -5.23 -2.37
CA ASN C 77 37.06 -3.90 -2.18
C ASN C 77 35.54 -3.91 -2.06
N GLY C 78 34.91 -5.08 -2.09
CA GLY C 78 33.48 -5.20 -1.89
C GLY C 78 32.62 -4.60 -2.97
N ARG C 79 33.21 -3.85 -3.91
CA ARG C 79 32.53 -3.19 -5.01
C ARG C 79 32.59 -3.99 -6.32
N ASP C 80 33.71 -4.66 -6.58
CA ASP C 80 33.94 -5.37 -7.83
C ASP C 80 33.63 -6.85 -7.64
N PHE C 81 32.96 -7.43 -8.65
CA PHE C 81 32.61 -8.85 -8.65
C PHE C 81 33.05 -9.48 -9.96
N HIS C 82 33.78 -10.58 -9.86
CA HIS C 82 34.10 -11.38 -11.04
C HIS C 82 32.92 -12.27 -11.36
N MET C 83 32.52 -12.30 -12.63
CA MET C 83 31.47 -13.18 -13.11
C MET C 83 32.07 -14.02 -14.23
N SER C 84 32.30 -15.31 -13.97
CA SER C 84 33.14 -16.15 -14.81
C SER C 84 32.35 -17.30 -15.45
N VAL C 85 32.52 -17.46 -16.76
CA VAL C 85 32.07 -18.65 -17.48
C VAL C 85 33.25 -19.61 -17.57
N VAL C 86 33.13 -20.77 -16.96
CA VAL C 86 34.24 -21.72 -16.93
C VAL C 86 34.03 -22.75 -18.06
N ARG C 87 35.10 -23.03 -18.79
CA ARG C 87 35.03 -23.86 -20.00
C ARG C 87 33.94 -23.33 -20.94
N ALA C 88 34.12 -22.06 -21.33
CA ALA C 88 33.18 -21.40 -22.22
C ALA C 88 33.02 -22.19 -23.53
N ARG C 89 31.77 -22.40 -23.93
CA ARG C 89 31.42 -23.04 -25.17
C ARG C 89 31.05 -21.99 -26.23
N ARG C 90 31.05 -22.43 -27.47
CA ARG C 90 30.66 -21.53 -28.55
C ARG C 90 29.24 -20.99 -28.36
N ASN C 91 28.30 -21.85 -27.95
CA ASN C 91 26.95 -21.35 -27.73
C ASN C 91 26.81 -20.55 -26.43
N ASP C 92 27.90 -20.29 -25.69
CA ASP C 92 27.88 -19.25 -24.67
C ASP C 92 28.02 -17.84 -25.25
N SER C 93 28.41 -17.72 -26.52
CA SER C 93 28.47 -16.41 -27.16
C SER C 93 27.11 -15.72 -27.08
N GLY C 94 27.10 -14.47 -26.63
CA GLY C 94 25.84 -13.74 -26.60
C GLY C 94 25.95 -12.49 -25.74
N THR C 95 24.81 -12.06 -25.23
CA THR C 95 24.66 -10.80 -24.51
C THR C 95 24.47 -11.08 -23.03
N TYR C 96 25.23 -10.39 -22.20
CA TYR C 96 25.17 -10.56 -20.76
C TYR C 96 25.02 -9.21 -20.08
N LEU C 97 24.48 -9.25 -18.87
CA LEU C 97 24.40 -8.07 -18.01
C LEU C 97 24.31 -8.54 -16.56
N CYS C 98 24.46 -7.59 -15.65
CA CYS C 98 24.23 -7.85 -14.23
C CYS C 98 23.21 -6.85 -13.68
N GLY C 99 22.55 -7.26 -12.60
CA GLY C 99 21.58 -6.41 -11.93
C GLY C 99 21.75 -6.49 -10.43
N ALA C 100 21.75 -5.34 -9.78
CA ALA C 100 21.86 -5.27 -8.33
C ALA C 100 20.50 -4.93 -7.75
N ILE C 101 20.07 -5.69 -6.74
CA ILE C 101 18.82 -5.44 -6.01
C ILE C 101 19.16 -5.15 -4.56
N SER C 102 18.82 -3.95 -4.08
CA SER C 102 18.84 -3.70 -2.65
C SER C 102 17.58 -4.29 -2.02
N LEU C 103 17.73 -4.87 -0.83
CA LEU C 103 16.64 -5.55 -0.15
C LEU C 103 16.00 -4.69 0.93
N ALA C 104 16.74 -3.77 1.52
CA ALA C 104 16.21 -2.94 2.60
C ALA C 104 17.13 -1.74 2.77
N PRO C 105 16.59 -0.59 3.24
CA PRO C 105 15.20 -0.35 3.65
C PRO C 105 14.24 -0.14 2.48
N LYS C 106 14.79 0.13 1.29
CA LYS C 106 13.99 0.31 0.08
C LYS C 106 14.50 -0.66 -0.98
N ALA C 107 13.63 -1.53 -1.45
CA ALA C 107 14.03 -2.48 -2.48
C ALA C 107 14.00 -1.81 -3.84
N GLN C 108 15.06 -1.99 -4.62
CA GLN C 108 15.10 -1.52 -5.99
C GLN C 108 16.11 -2.35 -6.76
N ILE C 109 15.86 -2.50 -8.05
CA ILE C 109 16.77 -3.23 -8.95
C ILE C 109 17.25 -2.25 -10.01
N LYS C 110 18.56 -2.19 -10.20
CA LYS C 110 19.15 -1.45 -11.30
C LYS C 110 20.02 -2.40 -12.12
N GLU C 111 19.82 -2.41 -13.43
CA GLU C 111 20.59 -3.26 -14.35
C GLU C 111 21.75 -2.47 -14.95
N SER C 112 22.83 -3.20 -15.25
CA SER C 112 23.95 -2.60 -15.96
C SER C 112 23.62 -2.48 -17.44
N LEU C 113 24.46 -1.72 -18.15
CA LEU C 113 24.43 -1.81 -19.61
C LEU C 113 24.90 -3.19 -20.05
N ARG C 114 24.46 -3.61 -21.23
CA ARG C 114 24.74 -4.97 -21.65
C ARG C 114 26.10 -5.07 -22.31
N ALA C 115 26.71 -6.24 -22.18
CA ALA C 115 28.01 -6.54 -22.77
C ALA C 115 27.89 -7.78 -23.66
N GLU C 116 28.90 -8.00 -24.49
CA GLU C 116 28.89 -9.13 -25.42
C GLU C 116 30.06 -10.06 -25.12
N LEU C 117 29.76 -11.36 -25.07
CA LEU C 117 30.76 -12.42 -25.03
C LEU C 117 30.86 -13.06 -26.41
N ARG C 118 32.07 -13.12 -26.95
CA ARG C 118 32.35 -13.81 -28.20
C ARG C 118 33.29 -14.96 -27.88
N VAL C 119 32.84 -16.19 -28.15
CA VAL C 119 33.63 -17.38 -27.85
C VAL C 119 33.97 -18.02 -29.19
N THR C 120 35.26 -18.03 -29.53
CA THR C 120 35.72 -18.37 -30.87
C THR C 120 36.16 -19.82 -30.95
N GLU C 121 36.16 -20.33 -32.17
CA GLU C 121 36.56 -21.71 -32.39
C GLU C 121 38.06 -21.89 -32.14
N ARG C 122 38.42 -22.99 -31.48
CA ARG C 122 39.83 -23.34 -31.26
C ARG C 122 40.52 -23.58 -32.60
N GLU D 1 15.60 5.06 -14.77
CA GLU D 1 16.45 6.11 -15.31
C GLU D 1 16.52 7.30 -14.34
N VAL D 2 15.75 8.34 -14.62
CA VAL D 2 15.72 9.52 -13.76
C VAL D 2 14.87 9.22 -12.54
N GLN D 3 15.41 9.53 -11.35
CA GLN D 3 14.68 9.32 -10.11
C GLN D 3 14.88 10.50 -9.18
N LEU D 4 13.79 10.89 -8.52
CA LEU D 4 13.78 12.02 -7.59
C LEU D 4 13.08 11.55 -6.32
N LEU D 5 13.78 11.65 -5.20
CA LEU D 5 13.29 11.13 -3.93
C LEU D 5 13.29 12.27 -2.91
N GLU D 6 12.09 12.75 -2.56
CA GLU D 6 11.91 13.79 -1.57
C GLU D 6 11.81 13.20 -0.18
N SER D 7 12.17 14.02 0.82
CA SER D 7 11.99 13.62 2.21
C SER D 7 11.98 14.88 3.06
N GLY D 8 11.48 14.73 4.28
CA GLY D 8 11.46 15.80 5.26
C GLY D 8 10.09 16.30 5.68
N GLY D 9 9.02 15.90 4.99
CA GLY D 9 7.70 16.43 5.29
C GLY D 9 7.17 15.91 6.61
N VAL D 10 6.84 16.82 7.54
CA VAL D 10 6.31 16.43 8.83
C VAL D 10 5.29 17.46 9.28
N LEU D 11 4.66 17.20 10.43
CA LEU D 11 3.83 18.19 11.09
C LEU D 11 4.70 19.23 11.77
N VAL D 12 4.41 20.51 11.52
CA VAL D 12 5.23 21.61 12.01
C VAL D 12 4.28 22.71 12.47
N GLN D 13 4.58 23.31 13.62
CA GLN D 13 3.75 24.37 14.18
C GLN D 13 3.91 25.66 13.38
N PRO D 14 2.85 26.46 13.27
CA PRO D 14 2.95 27.74 12.56
C PRO D 14 4.03 28.64 13.17
N GLY D 15 4.69 29.38 12.30
CA GLY D 15 5.89 30.10 12.65
C GLY D 15 7.13 29.25 12.67
N GLY D 16 6.98 27.94 12.55
CA GLY D 16 8.10 27.03 12.67
C GLY D 16 8.94 26.95 11.41
N SER D 17 9.97 26.12 11.49
CA SER D 17 11.01 26.06 10.48
C SER D 17 11.24 24.60 10.07
N LEU D 18 11.52 24.37 8.78
CA LEU D 18 11.62 23.00 8.28
C LEU D 18 12.44 22.97 6.99
N ARG D 19 13.38 22.02 6.90
CA ARG D 19 14.15 21.82 5.68
C ARG D 19 13.75 20.53 4.99
N LEU D 20 13.41 20.63 3.72
CA LEU D 20 13.14 19.51 2.82
C LEU D 20 14.39 19.19 2.02
N SER D 21 14.49 17.96 1.55
CA SER D 21 15.59 17.60 0.67
C SER D 21 15.10 16.68 -0.44
N CYS D 22 15.87 16.63 -1.51
CA CYS D 22 15.54 15.78 -2.65
C CYS D 22 16.84 15.19 -3.15
N ALA D 23 16.92 13.85 -3.19
CA ALA D 23 18.08 13.16 -3.74
C ALA D 23 17.80 12.78 -5.18
N ALA D 24 18.72 13.14 -6.08
CA ALA D 24 18.55 12.99 -7.51
C ALA D 24 19.56 12.01 -8.09
N SER D 25 19.14 11.28 -9.11
CA SER D 25 19.97 10.32 -9.82
C SER D 25 19.39 10.11 -11.21
N GLY D 26 20.20 9.50 -12.09
CA GLY D 26 19.82 9.22 -13.45
C GLY D 26 20.13 10.32 -14.45
N PHE D 27 20.75 11.41 -14.02
CA PHE D 27 21.15 12.50 -14.90
C PHE D 27 22.30 13.25 -14.24
N THR D 28 22.99 14.07 -15.02
CA THR D 28 24.09 14.86 -14.47
C THR D 28 23.51 16.04 -13.67
N PHE D 29 23.37 15.81 -12.37
CA PHE D 29 22.66 16.75 -11.50
C PHE D 29 23.21 18.16 -11.62
N SER D 30 24.53 18.32 -11.56
CA SER D 30 25.09 19.67 -11.54
C SER D 30 24.84 20.44 -12.83
N ASN D 31 24.44 19.77 -13.91
CA ASN D 31 24.20 20.46 -15.18
C ASN D 31 22.82 21.06 -15.26
N PHE D 32 21.89 20.67 -14.37
CA PHE D 32 20.48 20.97 -14.52
C PHE D 32 19.96 21.85 -13.40
N GLY D 33 19.18 22.85 -13.78
CA GLY D 33 18.34 23.54 -12.83
C GLY D 33 17.37 22.58 -12.17
N MET D 34 16.91 22.97 -10.98
CA MET D 34 15.95 22.20 -10.23
C MET D 34 14.88 23.14 -9.70
N THR D 35 13.73 22.56 -9.34
CA THR D 35 12.55 23.34 -8.98
C THR D 35 11.74 22.58 -7.94
N TRP D 36 11.03 23.33 -7.09
CA TRP D 36 10.00 22.82 -6.19
C TRP D 36 8.63 23.32 -6.64
N VAL D 37 7.66 22.43 -6.65
CA VAL D 37 6.27 22.75 -6.98
C VAL D 37 5.44 22.12 -5.88
N ARG D 38 4.42 22.84 -5.40
CA ARG D 38 3.62 22.29 -4.35
C ARG D 38 2.15 22.17 -4.74
N GLN D 39 1.43 21.33 -4.02
CA GLN D 39 0.01 21.07 -4.27
C GLN D 39 -0.69 20.94 -2.93
N ALA D 40 -1.46 21.95 -2.55
CA ALA D 40 -2.22 21.85 -1.32
C ALA D 40 -3.36 20.86 -1.52
N PRO D 41 -3.83 20.22 -0.45
CA PRO D 41 -4.74 19.07 -0.63
C PRO D 41 -6.04 19.47 -1.30
N GLY D 42 -6.39 18.71 -2.35
CA GLY D 42 -7.55 18.97 -3.17
C GLY D 42 -7.46 20.19 -4.06
N LYS D 43 -6.28 20.80 -4.21
CA LYS D 43 -6.10 21.99 -5.03
C LYS D 43 -5.14 21.70 -6.18
N GLY D 44 -4.83 22.73 -6.96
CA GLY D 44 -3.97 22.63 -8.11
C GLY D 44 -2.49 22.78 -7.79
N LEU D 45 -1.72 23.13 -8.81
CA LEU D 45 -0.27 23.14 -8.71
C LEU D 45 0.23 24.57 -8.58
N GLU D 46 1.17 24.78 -7.67
CA GLU D 46 1.78 26.09 -7.47
C GLU D 46 3.30 25.96 -7.53
N TRP D 47 3.92 26.70 -8.44
CA TRP D 47 5.37 26.84 -8.47
C TRP D 47 5.88 27.59 -7.24
N VAL D 48 6.90 27.02 -6.58
CA VAL D 48 7.46 27.58 -5.33
C VAL D 48 8.78 28.31 -5.56
N SER D 49 9.75 27.64 -6.20
CA SER D 49 11.11 28.16 -6.27
C SER D 49 11.94 27.32 -7.25
N GLY D 50 12.90 27.97 -7.91
CA GLY D 50 13.82 27.28 -8.78
C GLY D 50 15.25 27.74 -8.53
N ILE D 51 16.19 26.91 -8.96
CA ILE D 51 17.61 27.20 -8.77
C ILE D 51 18.39 26.62 -9.94
N SER D 52 19.33 27.42 -10.47
CA SER D 52 20.09 26.98 -11.63
C SER D 52 21.02 25.83 -11.25
N GLY D 53 21.66 25.26 -12.27
CA GLY D 53 22.52 24.11 -12.03
C GLY D 53 23.69 24.41 -11.09
N GLY D 54 24.38 25.53 -11.34
CA GLY D 54 25.51 25.88 -10.50
C GLY D 54 25.18 26.61 -9.21
N GLY D 55 23.89 26.78 -8.88
CA GLY D 55 23.47 27.40 -7.65
C GLY D 55 23.45 28.91 -7.64
N ARG D 56 23.87 29.58 -8.72
CA ARG D 56 24.06 31.03 -8.64
C ARG D 56 22.78 31.82 -8.85
N ASP D 57 21.79 31.26 -9.54
CA ASP D 57 20.57 31.98 -9.86
C ASP D 57 19.39 31.31 -9.17
N THR D 58 18.61 32.09 -8.42
CA THR D 58 17.47 31.55 -7.69
C THR D 58 16.22 32.34 -8.03
N TYR D 59 15.06 31.67 -7.97
CA TYR D 59 13.77 32.29 -8.28
C TYR D 59 12.72 31.84 -7.26
N PHE D 60 11.81 32.75 -6.93
CA PHE D 60 10.81 32.52 -5.90
C PHE D 60 9.46 33.10 -6.32
N ALA D 61 8.39 32.38 -6.00
CA ALA D 61 7.05 32.95 -6.02
C ALA D 61 6.88 33.96 -4.88
N ASP D 62 6.08 34.99 -5.13
CA ASP D 62 5.87 36.03 -4.12
C ASP D 62 5.28 35.46 -2.84
N SER D 63 4.51 34.38 -2.92
CA SER D 63 3.87 33.80 -1.73
C SER D 63 4.86 33.22 -0.73
N VAL D 64 6.13 33.04 -1.11
CA VAL D 64 7.16 32.52 -0.21
C VAL D 64 8.39 33.41 -0.15
N LYS D 65 8.42 34.51 -0.91
CA LYS D 65 9.50 35.46 -0.83
C LYS D 65 9.72 35.94 0.61
N GLY D 66 10.99 36.01 1.00
CA GLY D 66 11.38 36.42 2.33
C GLY D 66 11.17 35.38 3.40
N ARG D 67 10.60 34.24 3.06
CA ARG D 67 10.33 33.18 4.01
C ARG D 67 11.07 31.89 3.68
N PHE D 68 11.11 31.52 2.40
CA PHE D 68 11.67 30.26 1.92
C PHE D 68 12.98 30.54 1.20
N THR D 69 13.90 29.59 1.31
CA THR D 69 15.23 29.67 0.72
C THR D 69 15.47 28.36 -0.02
N ILE D 70 16.20 28.43 -1.12
CA ILE D 70 16.50 27.25 -1.93
C ILE D 70 18.02 27.13 -2.05
N SER D 71 18.51 25.89 -2.04
CA SER D 71 19.95 25.67 -2.15
C SER D 71 20.18 24.25 -2.64
N ARG D 72 21.40 24.00 -3.07
CA ARG D 72 21.74 22.66 -3.51
C ARG D 72 23.19 22.35 -3.18
N ASP D 73 23.45 21.09 -2.89
CA ASP D 73 24.80 20.56 -2.74
C ASP D 73 25.03 19.59 -3.90
N ASN D 74 25.78 20.05 -4.90
CA ASN D 74 26.03 19.22 -6.08
C ASN D 74 26.94 18.05 -5.79
N SER D 75 27.66 18.06 -4.66
CA SER D 75 28.57 16.95 -4.35
C SER D 75 27.82 15.71 -3.90
N LYS D 76 26.64 15.83 -3.27
CA LYS D 76 25.82 14.66 -3.00
C LYS D 76 24.50 14.68 -3.75
N ASN D 77 24.42 15.43 -4.86
CA ASN D 77 23.29 15.32 -5.78
C ASN D 77 21.96 15.56 -5.06
N THR D 78 21.91 16.60 -4.20
CA THR D 78 20.78 16.84 -3.32
C THR D 78 20.29 18.26 -3.50
N LEU D 79 18.98 18.43 -3.55
CA LEU D 79 18.33 19.73 -3.60
C LEU D 79 17.64 19.98 -2.27
N TYR D 80 17.63 21.25 -1.82
CA TYR D 80 17.10 21.61 -0.52
C TYR D 80 16.03 22.68 -0.65
N LEU D 81 15.05 22.64 0.26
CA LEU D 81 14.12 23.76 0.46
C LEU D 81 14.10 24.09 1.96
N GLN D 82 14.56 25.29 2.31
CA GLN D 82 14.52 25.78 3.68
C GLN D 82 13.26 26.63 3.86
N MET D 83 12.33 26.14 4.67
CA MET D 83 11.07 26.83 4.93
C MET D 83 11.10 27.47 6.31
N ASN D 84 10.88 28.79 6.36
CA ASN D 84 10.84 29.57 7.60
C ASN D 84 9.47 30.25 7.72
N SER D 85 9.16 30.66 8.95
CA SER D 85 7.90 31.31 9.34
C SER D 85 6.71 30.66 8.60
N LEU D 86 6.57 29.37 8.84
CA LEU D 86 5.58 28.59 8.13
C LEU D 86 4.18 29.05 8.51
N LYS D 87 3.31 29.07 7.49
CA LYS D 87 1.90 29.40 7.62
C LYS D 87 1.05 28.15 7.36
N GLY D 88 -0.17 28.19 7.88
CA GLY D 88 -1.13 27.13 7.58
C GLY D 88 -1.28 26.89 6.09
N GLU D 89 -1.29 27.95 5.28
CA GLU D 89 -1.47 27.78 3.84
C GLU D 89 -0.20 27.30 3.12
N ASP D 90 0.88 27.04 3.87
CA ASP D 90 2.00 26.30 3.31
C ASP D 90 1.76 24.80 3.35
N THR D 91 0.66 24.34 3.95
CA THR D 91 0.37 22.90 3.97
C THR D 91 0.16 22.40 2.54
N ALA D 92 0.96 21.41 2.12
CA ALA D 92 0.91 20.89 0.75
C ALA D 92 1.88 19.71 0.62
N VAL D 93 1.72 18.97 -0.48
CA VAL D 93 2.75 18.07 -1.00
C VAL D 93 3.77 18.92 -1.76
N TYR D 94 5.04 18.75 -1.44
CA TYR D 94 6.11 19.45 -2.17
C TYR D 94 6.82 18.45 -3.07
N TYR D 95 6.76 18.72 -4.38
CA TYR D 95 7.40 17.93 -5.44
C TYR D 95 8.73 18.56 -5.81
N CYS D 96 9.77 17.73 -5.85
CA CYS D 96 11.05 18.06 -6.43
C CYS D 96 10.97 17.77 -7.93
N VAL D 97 11.40 18.72 -8.77
CA VAL D 97 11.20 18.64 -10.21
C VAL D 97 12.48 19.00 -10.96
N LYS D 98 12.81 18.22 -11.98
CA LYS D 98 13.96 18.55 -12.82
C LYS D 98 13.64 19.75 -13.71
N TRP D 99 14.56 20.74 -13.78
CA TRP D 99 14.32 21.98 -14.54
C TRP D 99 15.56 22.39 -15.34
N GLY D 100 15.72 21.84 -16.52
CA GLY D 100 16.88 22.26 -17.26
C GLY D 100 16.46 22.79 -18.60
N ASN D 101 15.17 23.07 -18.75
CA ASN D 101 14.63 23.46 -20.03
C ASN D 101 13.32 24.22 -19.78
N ILE D 102 12.52 24.37 -20.82
CA ILE D 102 11.32 25.19 -20.80
C ILE D 102 10.15 24.32 -20.39
N TYR D 103 10.44 23.20 -19.73
CA TYR D 103 9.43 22.31 -19.20
C TYR D 103 9.94 21.71 -17.90
N PHE D 104 9.04 21.02 -17.19
CA PHE D 104 9.39 20.24 -16.02
C PHE D 104 9.20 18.77 -16.36
N ASP D 105 10.29 18.08 -16.75
CA ASP D 105 10.10 16.80 -17.40
C ASP D 105 9.99 15.62 -16.44
N TYR D 106 10.48 15.74 -15.21
CA TYR D 106 10.38 14.64 -14.24
C TYR D 106 10.11 15.19 -12.84
N TRP D 107 9.24 14.52 -12.10
CA TRP D 107 8.76 14.94 -10.79
C TRP D 107 8.91 13.80 -9.80
N GLY D 108 9.30 14.12 -8.57
CA GLY D 108 9.23 13.13 -7.53
C GLY D 108 7.79 12.91 -7.10
N GLN D 109 7.59 11.87 -6.30
CA GLN D 109 6.25 11.60 -5.79
C GLN D 109 5.82 12.54 -4.66
N GLY D 110 6.72 13.37 -4.13
CA GLY D 110 6.38 14.46 -3.23
C GLY D 110 6.54 14.09 -1.76
N THR D 111 6.58 15.12 -0.90
CA THR D 111 6.60 14.92 0.55
C THR D 111 5.62 15.91 1.18
N LEU D 112 4.82 15.40 2.11
CA LEU D 112 3.72 16.15 2.68
C LEU D 112 4.21 16.95 3.89
N VAL D 113 4.09 18.27 3.82
CA VAL D 113 4.32 19.16 4.98
C VAL D 113 2.95 19.62 5.47
N THR D 114 2.72 19.53 6.79
CA THR D 114 1.49 20.02 7.39
C THR D 114 1.82 21.05 8.46
N VAL D 115 1.27 22.26 8.30
CA VAL D 115 1.45 23.35 9.26
C VAL D 115 0.16 23.50 10.06
N SER D 116 0.24 23.27 11.37
CA SER D 116 -0.94 23.38 12.20
C SER D 116 -0.53 23.52 13.67
N SER D 117 -1.35 24.20 14.44
CA SER D 117 -1.19 24.24 15.89
C SER D 117 -1.93 23.09 16.57
N ALA D 118 -2.65 22.27 15.80
CA ALA D 118 -3.40 21.17 16.41
C ALA D 118 -2.45 20.12 16.98
N SER D 119 -2.82 19.57 18.14
CA SER D 119 -2.12 18.45 18.76
C SER D 119 -2.69 17.13 18.22
N THR D 120 -1.83 16.12 18.13
CA THR D 120 -2.29 14.81 17.67
C THR D 120 -3.34 14.25 18.64
N LYS D 121 -4.40 13.65 18.08
CA LYS D 121 -5.55 13.21 18.85
C LYS D 121 -6.29 12.12 18.08
N GLY D 122 -6.70 11.07 18.77
CA GLY D 122 -7.49 10.04 18.16
C GLY D 122 -8.94 10.46 17.99
N PRO D 123 -9.67 9.69 17.19
CA PRO D 123 -11.05 10.07 16.87
C PRO D 123 -12.08 9.47 17.82
N SER D 124 -13.14 10.22 18.04
CA SER D 124 -14.38 9.63 18.51
C SER D 124 -15.08 8.98 17.33
N VAL D 125 -15.78 7.89 17.59
CA VAL D 125 -16.48 7.15 16.55
C VAL D 125 -17.92 6.97 16.99
N PHE D 126 -18.86 7.52 16.23
CA PHE D 126 -20.28 7.49 16.53
C PHE D 126 -21.04 6.75 15.44
N PRO D 127 -22.14 6.08 15.78
CA PRO D 127 -22.87 5.30 14.79
C PRO D 127 -23.83 6.15 13.97
N LEU D 128 -24.01 5.76 12.71
CA LEU D 128 -25.06 6.33 11.87
C LEU D 128 -26.07 5.21 11.66
N ALA D 129 -27.08 5.16 12.52
CA ALA D 129 -27.96 4.01 12.57
C ALA D 129 -28.86 3.97 11.35
N PRO D 130 -29.21 2.77 10.86
CA PRO D 130 -30.23 2.68 9.81
C PRO D 130 -31.61 3.00 10.38
N SER D 131 -32.49 3.55 9.54
CA SER D 131 -33.85 3.84 10.00
C SER D 131 -34.88 2.98 9.28
N GLY D 138 -36.11 -1.52 -0.12
CA GLY D 138 -35.44 -2.80 0.01
C GLY D 138 -33.98 -2.65 0.41
N THR D 139 -33.50 -1.40 0.39
CA THR D 139 -32.12 -1.08 0.74
C THR D 139 -32.07 -0.03 1.84
N ALA D 140 -31.15 -0.22 2.79
CA ALA D 140 -30.94 0.68 3.91
C ALA D 140 -29.48 1.11 3.96
N ALA D 141 -29.22 2.28 4.54
CA ALA D 141 -27.88 2.80 4.70
C ALA D 141 -27.57 2.98 6.17
N LEU D 142 -26.33 2.66 6.56
CA LEU D 142 -25.84 2.85 7.91
C LEU D 142 -24.38 3.26 7.83
N GLY D 143 -23.79 3.66 8.96
CA GLY D 143 -22.44 4.16 8.88
C GLY D 143 -21.85 4.47 10.25
N CYS D 144 -20.65 5.06 10.21
CA CYS D 144 -20.06 5.61 11.42
C CYS D 144 -19.33 6.91 11.11
N LEU D 145 -19.48 7.85 12.03
CA LEU D 145 -18.89 9.17 11.96
C LEU D 145 -17.59 9.12 12.74
N VAL D 146 -16.50 9.54 12.09
CA VAL D 146 -15.16 9.46 12.65
C VAL D 146 -14.70 10.89 12.87
N LYS D 147 -14.79 11.38 14.10
CA LYS D 147 -14.78 12.81 14.33
C LYS D 147 -13.62 13.23 15.23
N ASP D 148 -13.08 14.42 14.93
CA ASP D 148 -12.14 15.12 15.80
C ASP D 148 -10.84 14.33 16.02
N TYR D 149 -10.16 14.00 14.93
CA TYR D 149 -8.83 13.43 15.00
C TYR D 149 -7.84 14.31 14.22
N PHE D 150 -6.55 14.04 14.44
CA PHE D 150 -5.44 14.78 13.84
C PHE D 150 -4.13 14.05 14.08
N PRO D 151 -3.22 13.98 13.10
CA PRO D 151 -3.36 14.43 11.71
C PRO D 151 -3.98 13.33 10.83
N GLU D 152 -3.85 13.43 9.50
CA GLU D 152 -4.29 12.35 8.64
C GLU D 152 -3.25 11.24 8.66
N PRO D 153 -3.63 10.00 8.29
CA PRO D 153 -4.94 9.52 7.88
C PRO D 153 -5.59 8.67 8.96
N VAL D 154 -6.86 8.36 8.77
CA VAL D 154 -7.56 7.28 9.44
C VAL D 154 -7.83 6.23 8.38
N THR D 155 -7.88 4.96 8.77
CA THR D 155 -8.40 3.89 7.91
C THR D 155 -9.66 3.30 8.51
N VAL D 156 -10.62 2.98 7.66
CA VAL D 156 -11.87 2.34 8.06
C VAL D 156 -12.05 1.08 7.23
N SER D 157 -12.42 -0.01 7.88
CA SER D 157 -13.00 -1.17 7.23
C SER D 157 -14.30 -1.51 7.94
N TRP D 158 -15.02 -2.48 7.38
CA TRP D 158 -16.29 -2.93 7.92
C TRP D 158 -16.26 -4.44 8.09
N ASN D 159 -16.61 -4.92 9.28
CA ASN D 159 -16.62 -6.36 9.55
C ASN D 159 -15.27 -6.98 9.22
N SER D 160 -14.19 -6.24 9.52
CA SER D 160 -12.81 -6.72 9.32
C SER D 160 -12.55 -7.14 7.88
N GLY D 161 -13.15 -6.42 6.92
CA GLY D 161 -12.94 -6.71 5.52
C GLY D 161 -13.93 -7.68 4.90
N ALA D 162 -14.77 -8.33 5.71
CA ALA D 162 -15.79 -9.20 5.11
C ALA D 162 -16.90 -8.40 4.43
N LEU D 163 -16.89 -7.08 4.58
CA LEU D 163 -17.89 -6.20 3.98
C LEU D 163 -17.18 -5.09 3.21
N THR D 164 -17.17 -5.19 1.88
CA THR D 164 -16.56 -4.16 1.04
C THR D 164 -17.56 -3.61 0.01
N SER D 165 -18.50 -4.44 -0.42
CA SER D 165 -19.43 -4.01 -1.46
C SER D 165 -20.35 -2.91 -0.95
N GLY D 166 -20.40 -1.81 -1.70
CA GLY D 166 -21.25 -0.68 -1.37
C GLY D 166 -20.75 0.18 -0.24
N VAL D 167 -19.49 0.00 0.18
CA VAL D 167 -18.89 0.84 1.21
C VAL D 167 -18.36 2.11 0.56
N HIS D 168 -18.66 3.25 1.19
CA HIS D 168 -18.06 4.51 0.80
C HIS D 168 -17.45 5.14 2.05
N THR D 169 -16.15 5.43 1.99
CA THR D 169 -15.46 6.10 3.08
C THR D 169 -15.04 7.46 2.52
N PHE D 170 -15.63 8.51 3.05
CA PHE D 170 -15.44 9.79 2.41
C PHE D 170 -14.07 10.37 2.76
N PRO D 171 -13.48 11.15 1.85
CA PRO D 171 -12.29 11.92 2.21
C PRO D 171 -12.60 12.89 3.36
N ALA D 172 -11.59 13.12 4.19
CA ALA D 172 -11.79 13.89 5.41
C ALA D 172 -11.95 15.38 5.11
N VAL D 173 -12.70 16.05 5.97
CA VAL D 173 -12.86 17.49 5.90
C VAL D 173 -12.17 18.09 7.13
N LEU D 174 -11.44 19.18 6.91
CA LEU D 174 -10.84 19.90 8.03
C LEU D 174 -11.92 20.74 8.68
N GLN D 175 -12.19 20.48 9.96
CA GLN D 175 -13.23 21.20 10.67
C GLN D 175 -12.72 22.55 11.14
N SER D 176 -13.66 23.42 11.53
CA SER D 176 -13.30 24.74 12.00
C SER D 176 -12.43 24.68 13.26
N SER D 177 -12.43 23.55 13.95
CA SER D 177 -11.52 23.34 15.06
C SER D 177 -10.08 23.07 14.61
N GLY D 178 -9.85 22.83 13.34
CA GLY D 178 -8.52 22.39 12.93
C GLY D 178 -8.29 20.90 13.06
N LEU D 179 -9.30 20.14 13.47
CA LEU D 179 -9.28 18.69 13.49
C LEU D 179 -10.11 18.14 12.33
N TYR D 180 -9.77 16.93 11.91
CA TYR D 180 -10.44 16.26 10.80
C TYR D 180 -11.67 15.48 11.28
N SER D 181 -12.56 15.21 10.33
CA SER D 181 -13.70 14.33 10.56
C SER D 181 -14.10 13.74 9.22
N LEU D 182 -14.63 12.52 9.25
CA LEU D 182 -15.14 11.86 8.05
C LEU D 182 -16.28 10.92 8.44
N SER D 183 -16.95 10.41 7.43
CA SER D 183 -17.95 9.37 7.62
C SER D 183 -17.62 8.20 6.68
N SER D 184 -17.98 7.00 7.12
CA SER D 184 -17.96 5.82 6.28
C SER D 184 -19.34 5.23 6.29
N VAL D 185 -19.88 4.93 5.11
CA VAL D 185 -21.25 4.47 4.98
C VAL D 185 -21.26 3.20 4.14
N VAL D 186 -22.29 2.40 4.32
CA VAL D 186 -22.53 1.24 3.48
C VAL D 186 -24.04 1.05 3.32
N THR D 187 -24.45 0.60 2.13
CA THR D 187 -25.85 0.25 1.87
C THR D 187 -25.99 -1.26 1.83
N VAL D 188 -27.01 -1.76 2.53
CA VAL D 188 -27.27 -3.19 2.70
C VAL D 188 -28.75 -3.43 2.52
N PRO D 189 -29.17 -4.68 2.31
CA PRO D 189 -30.61 -4.96 2.21
C PRO D 189 -31.31 -4.76 3.56
N SER D 190 -32.48 -4.11 3.53
CA SER D 190 -33.20 -3.86 4.79
C SER D 190 -33.55 -5.14 5.52
N SER D 191 -33.71 -6.25 4.78
CA SER D 191 -34.06 -7.53 5.39
C SER D 191 -32.95 -8.11 6.25
N SER D 192 -31.73 -7.60 6.15
CA SER D 192 -30.60 -8.10 6.93
C SER D 192 -30.35 -7.33 8.21
N LEU D 193 -31.17 -6.31 8.51
CA LEU D 193 -30.86 -5.40 9.60
C LEU D 193 -30.91 -6.11 10.96
N GLY D 194 -31.90 -6.97 11.18
CA GLY D 194 -31.95 -7.70 12.43
C GLY D 194 -31.18 -9.01 12.47
N THR D 195 -30.50 -9.38 11.38
CA THR D 195 -29.88 -10.69 11.25
C THR D 195 -28.36 -10.61 11.09
N GLN D 196 -27.86 -9.74 10.21
CA GLN D 196 -26.44 -9.52 10.05
C GLN D 196 -25.96 -8.40 10.95
N THR D 197 -24.71 -8.52 11.39
CA THR D 197 -24.09 -7.59 12.32
C THR D 197 -23.09 -6.74 11.55
N TYR D 198 -23.00 -5.45 11.89
CA TYR D 198 -22.20 -4.48 11.16
C TYR D 198 -21.32 -3.71 12.14
N ILE D 199 -20.00 -3.90 12.04
CA ILE D 199 -19.03 -3.17 12.86
C ILE D 199 -18.10 -2.43 11.92
N CYS D 200 -17.87 -1.15 12.19
CA CYS D 200 -16.80 -0.44 11.52
C CYS D 200 -15.55 -0.45 12.39
N ASN D 201 -14.42 -0.73 11.75
CA ASN D 201 -13.14 -0.82 12.41
C ASN D 201 -12.33 0.41 12.01
N VAL D 202 -11.95 1.22 12.99
CA VAL D 202 -11.32 2.51 12.75
C VAL D 202 -9.91 2.47 13.32
N ASN D 203 -8.95 3.01 12.56
CA ASN D 203 -7.54 2.90 12.90
C ASN D 203 -6.87 4.25 12.67
N HIS D 204 -6.24 4.81 13.71
CA HIS D 204 -5.58 6.12 13.64
C HIS D 204 -4.18 5.95 14.20
N LYS D 205 -3.24 5.62 13.32
CA LYS D 205 -1.92 5.26 13.84
C LYS D 205 -1.11 6.43 14.42
N PRO D 206 -1.27 7.70 13.99
CA PRO D 206 -0.46 8.75 14.65
C PRO D 206 -0.75 8.90 16.14
N SER D 207 -1.97 8.59 16.59
CA SER D 207 -2.31 8.66 18.00
C SER D 207 -2.33 7.29 18.69
N ASN D 208 -2.01 6.23 17.93
CA ASN D 208 -2.15 4.84 18.35
C ASN D 208 -3.53 4.62 19.04
N THR D 209 -4.59 4.98 18.31
CA THR D 209 -5.95 4.69 18.76
C THR D 209 -6.62 3.73 17.78
N LYS D 210 -7.44 2.81 18.32
CA LYS D 210 -8.21 1.86 17.53
C LYS D 210 -9.58 1.71 18.18
N VAL D 211 -10.64 1.77 17.37
CA VAL D 211 -12.01 1.64 17.83
C VAL D 211 -12.76 0.68 16.91
N ASP D 212 -13.57 -0.19 17.48
CA ASP D 212 -14.54 -1.00 16.74
C ASP D 212 -15.94 -0.64 17.23
N LYS D 213 -16.80 -0.18 16.33
CA LYS D 213 -18.15 0.23 16.71
C LYS D 213 -19.19 -0.65 16.02
N LYS D 214 -20.00 -1.32 16.83
CA LYS D 214 -21.23 -1.98 16.35
C LYS D 214 -22.28 -0.93 16.00
N VAL D 215 -22.92 -1.09 14.83
CA VAL D 215 -23.95 -0.19 14.33
C VAL D 215 -25.26 -0.96 14.26
N GLU D 216 -26.22 -0.58 15.11
CA GLU D 216 -27.47 -1.30 15.33
C GLU D 216 -28.66 -0.43 14.97
N PRO D 217 -29.78 -1.04 14.58
CA PRO D 217 -31.08 -0.36 14.52
C PRO D 217 -31.57 -0.03 15.92
N ASP E 1 1.06 38.53 -12.32
CA ASP E 1 1.44 37.20 -12.78
C ASP E 1 0.68 36.87 -14.05
N ILE E 2 1.17 35.96 -14.88
CA ILE E 2 0.37 35.54 -16.02
C ILE E 2 -0.66 34.56 -15.50
N GLN E 3 -1.93 34.86 -15.74
CA GLN E 3 -3.03 34.00 -15.28
C GLN E 3 -3.38 32.98 -16.35
N MET E 4 -3.35 31.69 -16.00
CA MET E 4 -3.79 30.59 -16.85
C MET E 4 -5.16 30.04 -16.43
N THR E 5 -6.04 29.89 -17.41
CA THR E 5 -7.40 29.40 -17.21
C THR E 5 -7.65 28.25 -18.18
N GLN E 6 -8.58 27.37 -17.84
CA GLN E 6 -8.86 26.20 -18.68
C GLN E 6 -10.36 26.00 -18.80
N SER E 7 -10.77 25.34 -19.90
CA SER E 7 -12.14 24.92 -20.12
C SER E 7 -12.19 23.54 -20.77
N PRO E 8 -13.17 22.70 -20.40
CA PRO E 8 -14.10 22.86 -19.27
C PRO E 8 -13.37 22.57 -17.98
N SER E 9 -14.00 22.76 -16.82
CA SER E 9 -13.34 22.34 -15.59
C SER E 9 -13.45 20.84 -15.38
N SER E 10 -14.52 20.24 -15.90
CA SER E 10 -14.65 18.79 -15.93
C SER E 10 -15.50 18.39 -17.13
N LEU E 11 -15.32 17.15 -17.57
CA LEU E 11 -15.99 16.70 -18.79
C LEU E 11 -16.11 15.19 -18.74
N SER E 12 -17.24 14.70 -19.23
CA SER E 12 -17.52 13.27 -19.29
C SER E 12 -17.19 12.75 -20.68
N ALA E 13 -16.59 11.57 -20.74
CA ALA E 13 -16.31 10.96 -22.03
C ALA E 13 -16.37 9.45 -21.89
N SER E 14 -16.46 8.78 -23.04
CA SER E 14 -16.48 7.32 -23.12
C SER E 14 -15.16 6.83 -23.69
N VAL E 15 -14.86 5.57 -23.41
CA VAL E 15 -13.67 4.96 -23.95
C VAL E 15 -13.79 4.97 -25.47
N GLY E 16 -12.72 5.38 -26.15
CA GLY E 16 -12.75 5.51 -27.60
C GLY E 16 -13.14 6.88 -28.10
N ASP E 17 -13.57 7.79 -27.22
CA ASP E 17 -13.96 9.13 -27.62
C ASP E 17 -12.74 9.99 -27.97
N SER E 18 -13.00 11.09 -28.64
CA SER E 18 -12.07 12.20 -28.74
C SER E 18 -12.55 13.34 -27.84
N ILE E 19 -11.62 13.96 -27.13
CA ILE E 19 -11.90 15.13 -26.31
C ILE E 19 -10.85 16.20 -26.58
N THR E 20 -11.23 17.44 -26.31
CA THR E 20 -10.30 18.56 -26.38
C THR E 20 -10.52 19.50 -25.20
N ILE E 21 -9.42 19.91 -24.60
CA ILE E 21 -9.36 20.82 -23.46
C ILE E 21 -8.64 22.07 -23.92
N THR E 22 -9.14 23.22 -23.51
CA THR E 22 -8.56 24.48 -23.91
C THR E 22 -7.92 25.18 -22.71
N CYS E 23 -6.89 25.98 -23.01
CA CYS E 23 -6.11 26.73 -22.03
C CYS E 23 -5.95 28.13 -22.59
N ARG E 24 -5.98 29.14 -21.71
CA ARG E 24 -5.76 30.51 -22.13
C ARG E 24 -4.80 31.19 -21.15
N ALA E 25 -3.93 32.05 -21.67
CA ALA E 25 -3.06 32.87 -20.83
C ALA E 25 -3.47 34.33 -20.94
N SER E 26 -3.40 35.05 -19.82
CA SER E 26 -3.84 36.45 -19.77
C SER E 26 -2.92 37.40 -20.54
N LEU E 27 -1.73 36.95 -20.93
CA LEU E 27 -0.76 37.69 -21.72
C LEU E 27 -0.16 36.72 -22.73
N SER E 28 0.32 37.24 -23.87
CA SER E 28 0.90 36.35 -24.86
C SER E 28 2.16 35.66 -24.34
N ILE E 29 2.29 34.37 -24.63
CA ILE E 29 3.44 33.57 -24.20
C ILE E 29 4.11 32.84 -25.37
N ASN E 30 3.79 33.25 -26.60
CA ASN E 30 4.23 32.54 -27.80
C ASN E 30 3.94 31.03 -27.72
N THR E 31 4.96 30.17 -27.70
CA THR E 31 4.68 28.75 -27.53
C THR E 31 5.30 28.18 -26.26
N PHE E 32 5.61 29.03 -25.28
CA PHE E 32 6.19 28.59 -24.02
C PHE E 32 5.05 28.06 -23.12
N LEU E 33 4.57 26.87 -23.47
CA LEU E 33 3.34 26.35 -22.88
C LEU E 33 3.43 24.84 -22.78
N ASN E 34 3.15 24.29 -21.60
CA ASN E 34 3.28 22.85 -21.37
C ASN E 34 1.96 22.27 -20.87
N TRP E 35 1.81 20.96 -21.03
CA TRP E 35 0.63 20.27 -20.52
C TRP E 35 1.08 19.08 -19.67
N TYR E 36 0.46 18.92 -18.52
CA TYR E 36 0.76 17.82 -17.60
C TYR E 36 -0.48 16.96 -17.39
N GLN E 37 -0.27 15.71 -17.08
CA GLN E 37 -1.36 14.83 -16.65
C GLN E 37 -1.12 14.52 -15.18
N GLN E 38 -2.19 14.39 -14.40
CA GLN E 38 -2.02 13.93 -13.02
C GLN E 38 -3.02 12.80 -12.77
N LYS E 39 -2.50 11.61 -12.63
CA LYS E 39 -3.35 10.49 -12.31
C LYS E 39 -3.63 10.46 -10.82
N PRO E 40 -4.80 9.95 -10.41
CA PRO E 40 -5.19 10.08 -9.00
C PRO E 40 -4.14 9.47 -8.08
N GLY E 41 -3.78 10.24 -7.04
CA GLY E 41 -2.81 9.82 -6.06
C GLY E 41 -1.36 9.87 -6.50
N LYS E 42 -1.06 10.41 -7.67
CA LYS E 42 0.27 10.36 -8.24
C LYS E 42 0.77 11.77 -8.51
N ALA E 43 2.08 11.91 -8.69
CA ALA E 43 2.64 13.17 -9.12
C ALA E 43 2.26 13.47 -10.57
N PRO E 44 2.28 14.74 -10.98
CA PRO E 44 2.10 15.05 -12.40
C PRO E 44 3.21 14.47 -13.24
N ASN E 45 2.90 14.29 -14.51
CA ASN E 45 3.85 13.82 -15.50
C ASN E 45 3.67 14.65 -16.77
N LEU E 46 4.78 15.04 -17.39
CA LEU E 46 4.74 15.92 -18.54
C LEU E 46 4.16 15.20 -19.76
N LEU E 47 3.29 15.88 -20.50
CA LEU E 47 2.72 15.33 -21.72
C LEU E 47 3.24 16.05 -22.95
N ILE E 48 3.07 17.37 -23.00
CA ILE E 48 3.38 18.21 -24.15
C ILE E 48 4.28 19.33 -23.67
N TYR E 49 5.30 19.67 -24.45
CA TYR E 49 6.06 20.90 -24.18
C TYR E 49 6.16 21.74 -25.45
N ALA E 50 6.46 23.03 -25.28
CA ALA E 50 6.58 23.96 -26.41
C ALA E 50 5.31 23.98 -27.25
N ALA E 51 4.20 23.70 -26.57
CA ALA E 51 2.80 23.72 -26.99
C ALA E 51 2.38 22.59 -27.91
N SER E 52 3.33 21.87 -28.54
CA SER E 52 2.95 20.81 -29.45
C SER E 52 3.88 19.59 -29.46
N SER E 53 4.90 19.55 -28.61
CA SER E 53 5.91 18.51 -28.72
C SER E 53 5.68 17.45 -27.65
N LEU E 54 5.78 16.18 -28.05
CA LEU E 54 5.42 15.05 -27.21
C LEU E 54 6.60 14.63 -26.34
N HIS E 55 6.38 14.57 -25.03
CA HIS E 55 7.40 14.04 -24.14
C HIS E 55 7.58 12.53 -24.37
N GLY E 56 8.78 12.03 -24.06
CA GLY E 56 9.11 10.63 -24.27
C GLY E 56 8.14 9.65 -23.62
N GLY E 57 7.70 8.64 -24.37
CA GLY E 57 6.71 7.70 -23.90
C GLY E 57 5.26 8.11 -24.09
N VAL E 58 4.97 9.39 -24.28
CA VAL E 58 3.58 9.85 -24.37
C VAL E 58 2.98 9.39 -25.71
N PRO E 59 1.84 8.69 -25.72
CA PRO E 59 1.29 8.19 -26.99
C PRO E 59 0.82 9.31 -27.91
N SER E 60 0.94 9.07 -29.23
CA SER E 60 0.58 10.11 -30.20
C SER E 60 -0.94 10.33 -30.32
N ARG E 61 -1.79 9.61 -29.59
CA ARG E 61 -3.17 10.07 -29.50
C ARG E 61 -3.30 11.39 -28.75
N PHE E 62 -2.29 11.80 -27.95
CA PHE E 62 -2.25 13.15 -27.41
C PHE E 62 -1.63 14.11 -28.43
N SER E 63 -2.22 15.30 -28.56
CA SER E 63 -1.62 16.33 -29.40
C SER E 63 -1.98 17.69 -28.83
N GLY E 64 -1.14 18.67 -29.11
CA GLY E 64 -1.35 20.01 -28.60
C GLY E 64 -1.12 21.03 -29.70
N SER E 65 -1.84 22.14 -29.60
CA SER E 65 -1.71 23.19 -30.61
C SER E 65 -1.93 24.54 -29.95
N GLY E 66 -1.62 25.59 -30.70
CA GLY E 66 -1.78 26.94 -30.18
C GLY E 66 -0.49 27.73 -30.11
N SER E 67 -0.60 29.05 -30.23
CA SER E 67 0.49 29.98 -30.04
C SER E 67 -0.08 31.33 -29.61
N GLY E 68 0.57 31.99 -28.65
CA GLY E 68 0.09 33.29 -28.21
C GLY E 68 -0.66 33.21 -26.88
N THR E 69 -1.98 33.30 -26.92
CA THR E 69 -2.76 33.21 -25.69
C THR E 69 -3.64 31.98 -25.58
N ASP E 70 -3.90 31.28 -26.69
CA ASP E 70 -4.94 30.25 -26.68
C ASP E 70 -4.40 28.93 -27.22
N PHE E 71 -4.62 27.85 -26.47
CA PHE E 71 -4.00 26.56 -26.74
C PHE E 71 -5.02 25.45 -26.52
N THR E 72 -4.74 24.30 -27.09
CA THR E 72 -5.64 23.15 -27.04
C THR E 72 -4.83 21.89 -26.87
N LEU E 73 -5.35 21.00 -26.03
CA LEU E 73 -4.87 19.63 -25.87
C LEU E 73 -5.98 18.72 -26.38
N THR E 74 -5.67 17.88 -27.38
CA THR E 74 -6.64 16.92 -27.89
C THR E 74 -6.18 15.52 -27.54
N ILE E 75 -7.12 14.66 -27.16
CA ILE E 75 -6.84 13.27 -26.88
C ILE E 75 -7.82 12.43 -27.68
N ARG E 76 -7.33 11.61 -28.60
CA ARG E 76 -8.24 10.75 -29.34
C ARG E 76 -8.13 9.31 -28.84
N THR E 77 -9.10 8.50 -29.24
CA THR E 77 -9.21 7.08 -28.84
C THR E 77 -8.90 6.93 -27.35
N LEU E 78 -9.67 7.66 -26.55
CA LEU E 78 -9.46 7.75 -25.12
C LEU E 78 -9.40 6.36 -24.48
N GLN E 79 -8.39 6.16 -23.64
CA GLN E 79 -8.26 4.94 -22.87
C GLN E 79 -8.39 5.21 -21.38
N PRO E 80 -8.76 4.20 -20.59
CA PRO E 80 -9.03 4.43 -19.16
C PRO E 80 -7.86 5.06 -18.40
N GLU E 81 -6.61 4.80 -18.78
CA GLU E 81 -5.51 5.50 -18.11
C GLU E 81 -5.56 7.01 -18.33
N ASP E 82 -6.27 7.49 -19.36
CA ASP E 82 -6.34 8.92 -19.63
C ASP E 82 -7.37 9.65 -18.78
N PHE E 83 -8.17 8.92 -18.01
CA PHE E 83 -9.17 9.57 -17.16
C PHE E 83 -8.45 10.05 -15.91
N ALA E 84 -8.11 11.33 -15.93
CA ALA E 84 -7.22 11.95 -14.98
C ALA E 84 -7.46 13.47 -15.07
N THR E 85 -6.64 14.25 -14.38
CA THR E 85 -6.69 15.70 -14.42
C THR E 85 -5.54 16.22 -15.26
N TYR E 86 -5.80 17.29 -16.02
CA TYR E 86 -4.86 17.88 -16.96
C TYR E 86 -4.67 19.35 -16.63
N TYR E 87 -3.40 19.79 -16.63
CA TYR E 87 -3.03 21.16 -16.32
C TYR E 87 -2.17 21.73 -17.43
N CYS E 88 -2.43 22.97 -17.82
CA CYS E 88 -1.48 23.72 -18.62
C CYS E 88 -0.56 24.54 -17.71
N GLN E 89 0.52 25.06 -18.29
CA GLN E 89 1.55 25.78 -17.54
C GLN E 89 2.35 26.64 -18.49
N GLN E 90 2.41 27.96 -18.23
CA GLN E 90 3.27 28.83 -19.02
C GLN E 90 4.70 28.82 -18.49
N SER E 91 5.67 28.70 -19.39
CA SER E 91 7.08 28.76 -19.04
C SER E 91 7.73 30.02 -19.58
N SER E 92 6.93 31.01 -19.95
CA SER E 92 7.41 32.25 -20.54
C SER E 92 8.03 33.19 -19.52
N ASN E 93 7.48 33.26 -18.31
CA ASN E 93 7.92 34.22 -17.31
C ASN E 93 7.78 33.63 -15.92
N THR E 94 8.78 33.87 -15.09
CA THR E 94 8.57 33.66 -13.66
C THR E 94 7.65 34.75 -13.13
N PRO E 95 6.77 34.45 -12.16
CA PRO E 95 6.54 33.12 -11.56
C PRO E 95 5.83 32.20 -12.54
N PHE E 96 6.35 30.99 -12.73
CA PHE E 96 5.66 30.03 -13.59
C PHE E 96 4.30 29.72 -12.99
N THR E 97 3.28 29.67 -13.85
CA THR E 97 1.90 29.54 -13.42
C THR E 97 1.23 28.39 -14.14
N PHE E 98 0.34 27.70 -13.42
CA PHE E 98 -0.43 26.56 -13.90
C PHE E 98 -1.88 26.96 -14.07
N GLY E 99 -2.56 26.29 -15.00
CA GLY E 99 -3.99 26.42 -15.09
C GLY E 99 -4.65 25.70 -13.94
N PRO E 100 -5.97 25.82 -13.82
CA PRO E 100 -6.67 25.27 -12.63
C PRO E 100 -6.90 23.77 -12.68
N GLY E 101 -6.70 23.13 -13.83
CA GLY E 101 -6.91 21.70 -13.93
C GLY E 101 -8.26 21.35 -14.54
N THR E 102 -8.27 20.40 -15.47
CA THR E 102 -9.50 19.90 -16.06
C THR E 102 -9.62 18.42 -15.74
N VAL E 103 -10.75 18.01 -15.17
CA VAL E 103 -10.97 16.61 -14.77
C VAL E 103 -11.73 15.89 -15.88
N VAL E 104 -11.24 14.71 -16.27
CA VAL E 104 -11.88 13.89 -17.29
C VAL E 104 -12.42 12.64 -16.60
N ASP E 105 -13.74 12.47 -16.60
CA ASP E 105 -14.33 11.32 -15.93
C ASP E 105 -15.12 10.45 -16.91
N PHE E 106 -15.48 9.26 -16.43
CA PHE E 106 -16.15 8.25 -17.23
C PHE E 106 -17.63 8.60 -17.33
N ARG E 107 -18.13 8.70 -18.55
CA ARG E 107 -19.53 8.97 -18.77
C ARG E 107 -20.36 7.71 -18.51
N ARG E 108 -21.55 7.93 -17.96
CA ARG E 108 -22.53 6.85 -17.82
C ARG E 108 -23.90 7.51 -17.88
N THR E 109 -24.94 6.70 -17.83
CA THR E 109 -26.28 7.27 -17.83
C THR E 109 -26.53 8.04 -16.54
N VAL E 110 -27.34 9.11 -16.67
CA VAL E 110 -27.69 9.92 -15.52
C VAL E 110 -28.34 9.05 -14.46
N ALA E 111 -27.82 9.09 -13.23
CA ALA E 111 -28.39 8.35 -12.13
C ALA E 111 -28.70 9.32 -11.00
N ALA E 112 -29.96 9.37 -10.59
CA ALA E 112 -30.39 10.20 -9.46
C ALA E 112 -29.84 9.65 -8.15
N PRO E 113 -29.45 10.52 -7.20
CA PRO E 113 -28.97 10.02 -5.91
C PRO E 113 -30.09 9.42 -5.08
N SER E 114 -29.73 8.40 -4.30
CA SER E 114 -30.55 7.98 -3.16
C SER E 114 -30.08 8.76 -1.94
N VAL E 115 -31.01 9.34 -1.20
CA VAL E 115 -30.68 10.26 -0.12
C VAL E 115 -31.07 9.65 1.21
N PHE E 116 -30.16 9.74 2.18
CA PHE E 116 -30.37 9.23 3.53
C PHE E 116 -29.98 10.31 4.53
N ILE E 117 -30.72 10.41 5.62
CA ILE E 117 -30.44 11.40 6.66
C ILE E 117 -30.31 10.68 7.99
N PHE E 118 -29.33 11.11 8.79
CA PHE E 118 -28.97 10.44 10.04
C PHE E 118 -28.98 11.44 11.18
N PRO E 119 -29.77 11.24 12.22
CA PRO E 119 -29.70 12.11 13.40
C PRO E 119 -28.38 11.89 14.15
N PRO E 120 -28.03 12.79 15.05
CA PRO E 120 -26.88 12.50 15.93
C PRO E 120 -27.18 11.31 16.81
N SER E 121 -26.14 10.54 17.12
CA SER E 121 -26.30 9.46 18.09
C SER E 121 -26.41 10.03 19.51
N ASP E 122 -26.98 9.24 20.41
CA ASP E 122 -27.03 9.66 21.81
C ASP E 122 -25.63 9.81 22.40
N GLU E 123 -24.64 8.99 21.97
CA GLU E 123 -23.32 9.10 22.58
C GLU E 123 -22.69 10.44 22.26
N GLN E 124 -22.79 10.89 21.00
CA GLN E 124 -22.23 12.20 20.65
C GLN E 124 -22.88 13.32 21.46
N LEU E 125 -24.20 13.22 21.65
CA LEU E 125 -24.93 14.26 22.40
C LEU E 125 -24.54 14.29 23.86
N LYS E 126 -23.91 13.22 24.37
CA LYS E 126 -23.31 13.28 25.70
C LYS E 126 -22.17 14.27 25.76
N SER E 127 -21.53 14.55 24.62
CA SER E 127 -20.32 15.35 24.56
C SER E 127 -20.60 16.83 24.28
N GLY E 128 -21.84 17.22 24.01
CA GLY E 128 -22.20 18.62 23.91
C GLY E 128 -22.39 19.15 22.51
N THR E 129 -22.04 18.36 21.48
CA THR E 129 -22.18 18.76 20.09
C THR E 129 -23.01 17.73 19.35
N ALA E 130 -23.64 18.16 18.26
CA ALA E 130 -24.52 17.30 17.48
C ALA E 130 -24.12 17.36 16.01
N SER E 131 -23.96 16.20 15.39
CA SER E 131 -23.74 16.13 13.95
C SER E 131 -24.91 15.44 13.27
N VAL E 132 -25.53 16.11 12.32
CA VAL E 132 -26.58 15.54 11.49
C VAL E 132 -25.98 15.31 10.11
N VAL E 133 -26.14 14.10 9.58
CA VAL E 133 -25.49 13.67 8.35
C VAL E 133 -26.55 13.42 7.28
N CYS E 134 -26.34 13.99 6.10
CA CYS E 134 -27.14 13.70 4.92
C CYS E 134 -26.23 13.02 3.90
N LEU E 135 -26.65 11.86 3.39
CA LEU E 135 -25.85 11.11 2.43
C LEU E 135 -26.57 11.08 1.07
N LEU E 136 -25.85 11.49 0.03
CA LEU E 136 -26.32 11.37 -1.35
C LEU E 136 -25.50 10.25 -1.99
N ASN E 137 -26.15 9.14 -2.33
CA ASN E 137 -25.42 7.93 -2.70
C ASN E 137 -25.60 7.55 -4.17
N ASN E 138 -24.48 7.24 -4.83
CA ASN E 138 -24.44 6.62 -6.17
C ASN E 138 -25.21 7.43 -7.21
N PHE E 139 -24.78 8.67 -7.45
CA PHE E 139 -25.39 9.52 -8.46
C PHE E 139 -24.37 9.88 -9.53
N TYR E 140 -24.90 10.36 -10.66
CA TYR E 140 -24.10 10.79 -11.79
C TYR E 140 -24.96 11.75 -12.60
N PRO E 141 -24.41 12.86 -13.11
CA PRO E 141 -23.04 13.34 -12.98
C PRO E 141 -22.77 14.00 -11.63
N ARG E 142 -21.56 14.56 -11.52
CA ARG E 142 -21.01 14.98 -10.24
C ARG E 142 -21.78 16.14 -9.62
N GLU E 143 -22.36 17.03 -10.42
CA GLU E 143 -22.95 18.23 -9.85
C GLU E 143 -24.21 17.89 -9.04
N ALA E 144 -24.32 18.52 -7.88
CA ALA E 144 -25.43 18.32 -6.95
C ALA E 144 -25.33 19.41 -5.90
N LYS E 145 -26.48 19.75 -5.32
CA LYS E 145 -26.52 20.76 -4.27
C LYS E 145 -27.37 20.24 -3.11
N VAL E 146 -26.95 20.55 -1.90
CA VAL E 146 -27.64 20.14 -0.69
C VAL E 146 -27.89 21.38 0.13
N GLN E 147 -29.12 21.54 0.61
CA GLN E 147 -29.47 22.63 1.52
C GLN E 147 -30.08 22.03 2.78
N TRP E 148 -29.71 22.58 3.95
CA TRP E 148 -30.31 22.17 5.22
C TRP E 148 -31.38 23.15 5.67
N LYS E 149 -32.50 22.63 6.16
CA LYS E 149 -33.57 23.42 6.73
C LYS E 149 -33.93 22.83 8.08
N VAL E 150 -34.04 23.69 9.09
CA VAL E 150 -34.34 23.30 10.46
C VAL E 150 -35.59 24.06 10.86
N ASP E 151 -36.71 23.35 11.03
CA ASP E 151 -38.01 23.97 11.25
C ASP E 151 -38.24 25.08 10.24
N ASN E 152 -37.98 24.75 8.97
CA ASN E 152 -38.13 25.55 7.77
C ASN E 152 -37.06 26.62 7.62
N ALA E 153 -36.18 26.83 8.60
CA ALA E 153 -35.19 27.90 8.51
C ALA E 153 -33.97 27.39 7.76
N LEU E 154 -33.58 28.12 6.72
CA LEU E 154 -32.48 27.65 5.88
C LEU E 154 -31.15 27.89 6.58
N GLN E 155 -30.35 26.84 6.66
CA GLN E 155 -29.06 26.88 7.34
C GLN E 155 -27.97 27.43 6.42
N SER E 156 -27.05 28.21 7.00
CA SER E 156 -25.89 28.68 6.26
C SER E 156 -24.70 28.80 7.21
N GLY E 157 -23.54 28.33 6.76
CA GLY E 157 -22.31 28.45 7.51
C GLY E 157 -22.04 27.38 8.54
N ASN E 158 -22.88 26.35 8.63
CA ASN E 158 -22.66 25.34 9.66
C ASN E 158 -22.66 23.92 9.10
N SER E 159 -22.39 23.76 7.81
CA SER E 159 -22.32 22.44 7.19
C SER E 159 -21.07 22.32 6.34
N GLN E 160 -20.62 21.08 6.14
CA GLN E 160 -19.47 20.81 5.31
C GLN E 160 -19.77 19.59 4.47
N GLU E 161 -19.31 19.61 3.22
CA GLU E 161 -19.54 18.54 2.26
C GLU E 161 -18.22 17.82 1.95
N SER E 162 -18.35 16.57 1.51
CA SER E 162 -17.22 15.78 1.03
C SER E 162 -17.74 14.85 -0.06
N VAL E 163 -16.96 14.66 -1.12
CA VAL E 163 -17.38 13.91 -2.30
C VAL E 163 -16.36 12.80 -2.55
N THR E 164 -16.85 11.59 -2.85
CA THR E 164 -15.92 10.53 -3.18
C THR E 164 -15.36 10.72 -4.59
N GLU E 165 -14.29 10.00 -4.87
CA GLU E 165 -13.79 9.90 -6.23
C GLU E 165 -14.78 9.05 -7.04
N GLN E 166 -14.72 9.16 -8.36
CA GLN E 166 -15.65 8.38 -9.17
C GLN E 166 -15.44 6.89 -8.95
N ASP E 167 -16.54 6.17 -8.72
CA ASP E 167 -16.46 4.75 -8.40
C ASP E 167 -15.97 3.98 -9.61
N SER E 168 -14.96 3.13 -9.41
CA SER E 168 -14.37 2.42 -10.56
C SER E 168 -15.30 1.35 -11.11
N LYS E 169 -16.21 0.82 -10.29
CA LYS E 169 -17.09 -0.23 -10.75
C LYS E 169 -18.37 0.33 -11.40
N ASP E 170 -19.00 1.36 -10.83
CA ASP E 170 -20.25 1.79 -11.42
C ASP E 170 -20.26 3.25 -11.89
N SER E 171 -19.13 3.95 -11.78
CA SER E 171 -18.95 5.31 -12.29
C SER E 171 -19.90 6.32 -11.64
N THR E 172 -20.34 6.05 -10.42
CA THR E 172 -21.14 7.02 -9.68
C THR E 172 -20.29 7.77 -8.67
N TYR E 173 -20.83 8.89 -8.20
CA TYR E 173 -20.25 9.63 -7.10
C TYR E 173 -21.16 9.47 -5.89
N SER E 174 -20.58 9.71 -4.71
CA SER E 174 -21.34 9.80 -3.47
C SER E 174 -20.90 11.04 -2.72
N LEU E 175 -21.79 11.57 -1.89
CA LEU E 175 -21.55 12.86 -1.24
C LEU E 175 -22.17 12.83 0.15
N SER E 176 -21.44 13.36 1.11
CA SER E 176 -21.95 13.56 2.46
C SER E 176 -22.00 15.03 2.77
N SER E 177 -23.05 15.45 3.46
CA SER E 177 -23.13 16.79 4.02
C SER E 177 -23.40 16.63 5.51
N THR E 178 -22.59 17.30 6.33
CA THR E 178 -22.67 17.19 7.77
C THR E 178 -23.02 18.56 8.34
N LEU E 179 -24.13 18.62 9.08
CA LEU E 179 -24.56 19.83 9.78
C LEU E 179 -24.14 19.70 11.24
N THR E 180 -23.47 20.72 11.76
CA THR E 180 -22.90 20.70 13.10
C THR E 180 -23.54 21.83 13.91
N LEU E 181 -24.19 21.47 15.02
CA LEU E 181 -24.71 22.43 15.99
C LEU E 181 -24.27 22.00 17.37
N SER E 182 -24.40 22.92 18.33
CA SER E 182 -24.26 22.54 19.71
C SER E 182 -25.46 21.69 20.15
N LYS E 183 -25.26 20.93 21.23
CA LYS E 183 -26.33 20.12 21.80
C LYS E 183 -27.49 20.99 22.25
N ALA E 184 -27.22 22.14 22.85
CA ALA E 184 -28.30 23.01 23.29
C ALA E 184 -29.12 23.50 22.11
N ASP E 185 -28.45 23.89 21.03
CA ASP E 185 -29.17 24.33 19.84
C ASP E 185 -29.96 23.18 19.23
N TYR E 186 -29.34 21.99 19.13
CA TYR E 186 -30.00 20.85 18.50
C TYR E 186 -31.32 20.52 19.19
N GLU E 187 -31.32 20.44 20.51
CA GLU E 187 -32.56 20.15 21.23
C GLU E 187 -33.52 21.33 21.29
N LYS E 188 -33.20 22.46 20.66
CA LYS E 188 -34.16 23.54 20.62
C LYS E 188 -35.07 23.45 19.38
N HIS E 189 -34.81 22.52 18.46
CA HIS E 189 -35.58 22.43 17.22
C HIS E 189 -36.11 21.01 16.99
N LYS E 190 -37.11 20.89 16.11
CA LYS E 190 -37.74 19.59 15.91
C LYS E 190 -37.43 18.97 14.56
N VAL E 191 -37.73 19.64 13.44
CA VAL E 191 -37.61 18.99 12.14
C VAL E 191 -36.29 19.38 11.50
N TYR E 192 -35.48 18.38 11.15
CA TYR E 192 -34.21 18.58 10.48
C TYR E 192 -34.28 17.97 9.08
N ALA E 193 -34.01 18.78 8.07
CA ALA E 193 -34.25 18.33 6.70
C ALA E 193 -33.09 18.71 5.79
N CYS E 194 -32.72 17.79 4.91
CA CYS E 194 -31.80 18.12 3.83
C CYS E 194 -32.53 17.99 2.51
N GLU E 195 -32.39 19.02 1.68
CA GLU E 195 -33.02 19.08 0.37
C GLU E 195 -31.95 19.01 -0.69
N VAL E 196 -32.14 18.12 -1.65
CA VAL E 196 -31.13 17.74 -2.63
C VAL E 196 -31.67 18.02 -4.03
N THR E 197 -30.91 18.77 -4.81
CA THR E 197 -31.24 18.96 -6.22
C THR E 197 -30.11 18.43 -7.09
N HIS E 198 -30.49 17.69 -8.14
CA HIS E 198 -29.57 16.99 -9.01
C HIS E 198 -30.28 16.81 -10.34
N GLN E 199 -29.51 16.89 -11.44
CA GLN E 199 -30.12 16.88 -12.77
C GLN E 199 -30.92 15.62 -13.04
N GLY E 200 -30.67 14.53 -12.31
CA GLY E 200 -31.47 13.31 -12.45
C GLY E 200 -32.88 13.39 -11.88
N LEU E 201 -33.23 14.51 -11.24
CA LEU E 201 -34.49 14.70 -10.51
C LEU E 201 -35.33 15.78 -11.18
N SER E 202 -36.62 15.51 -11.37
CA SER E 202 -37.52 16.54 -11.85
C SER E 202 -37.72 17.66 -10.83
N SER E 203 -37.44 17.41 -9.57
CA SER E 203 -37.61 18.42 -8.54
C SER E 203 -36.71 18.05 -7.37
N PRO E 204 -36.45 19.00 -6.45
CA PRO E 204 -35.69 18.65 -5.25
C PRO E 204 -36.35 17.50 -4.50
N VAL E 205 -35.50 16.69 -3.85
CA VAL E 205 -35.98 15.63 -2.96
C VAL E 205 -35.62 16.05 -1.55
N THR E 206 -36.56 15.88 -0.62
CA THR E 206 -36.36 16.31 0.77
C THR E 206 -36.41 15.11 1.71
N LYS E 207 -35.41 14.98 2.57
CA LYS E 207 -35.33 13.93 3.58
C LYS E 207 -35.26 14.59 4.94
N SER E 208 -36.08 14.12 5.88
CA SER E 208 -36.17 14.78 7.17
C SER E 208 -36.47 13.76 8.26
N PHE E 209 -36.20 14.16 9.51
CA PHE E 209 -36.68 13.45 10.69
C PHE E 209 -37.18 14.47 11.70
N ASN E 210 -38.02 13.97 12.60
CA ASN E 210 -38.52 14.74 13.74
C ASN E 210 -37.70 14.33 14.97
N ARG E 211 -37.05 15.31 15.62
CA ARG E 211 -36.18 14.99 16.73
C ARG E 211 -36.93 14.26 17.84
N GLY E 212 -36.32 13.22 18.40
CA GLY E 212 -36.92 12.46 19.49
C GLY E 212 -37.71 11.22 19.11
N ARG F 5 18.76 44.11 -18.23
CA ARG F 5 18.81 42.70 -18.38
C ARG F 5 18.71 42.25 -19.86
N PRO F 6 19.48 42.85 -20.76
CA PRO F 6 19.56 42.36 -22.13
C PRO F 6 20.72 41.37 -22.24
N TRP F 7 20.73 40.65 -23.37
CA TRP F 7 21.81 39.72 -23.63
C TRP F 7 21.84 39.45 -25.13
N ASN F 8 23.04 39.38 -25.68
CA ASN F 8 23.15 39.24 -27.13
C ASN F 8 23.29 37.78 -27.51
N PRO F 9 22.92 37.42 -28.73
CA PRO F 9 22.86 36.00 -29.11
C PRO F 9 24.25 35.37 -29.14
N PRO F 10 24.31 34.04 -29.22
CA PRO F 10 25.59 33.38 -29.48
C PRO F 10 26.10 33.69 -30.89
N THR F 11 27.41 33.51 -31.04
CA THR F 11 28.04 33.57 -32.35
C THR F 11 28.35 32.13 -32.79
N PHE F 12 28.24 31.88 -34.09
CA PHE F 12 28.46 30.57 -34.68
C PHE F 12 29.51 30.68 -35.77
N SER F 13 30.64 29.98 -35.60
CA SER F 13 31.82 30.11 -36.46
C SER F 13 32.35 28.76 -36.89
N PRO F 14 33.01 28.69 -38.07
CA PRO F 14 33.20 29.72 -39.09
C PRO F 14 31.96 29.87 -39.95
N ALA F 15 31.89 30.89 -40.79
CA ALA F 15 30.72 31.07 -41.65
C ALA F 15 30.69 30.03 -42.76
N LEU F 16 31.85 29.63 -43.26
CA LEU F 16 31.98 28.58 -44.28
C LEU F 16 33.01 27.57 -43.80
N LEU F 17 32.54 26.36 -43.48
CA LEU F 17 33.40 25.28 -43.05
C LEU F 17 33.40 24.21 -44.16
N VAL F 18 34.58 23.92 -44.70
CA VAL F 18 34.77 22.91 -45.75
C VAL F 18 35.66 21.80 -45.20
N VAL F 19 35.12 20.57 -45.15
CA VAL F 19 35.89 19.40 -44.75
C VAL F 19 35.67 18.31 -45.79
N THR F 20 36.49 17.26 -45.70
CA THR F 20 36.40 16.13 -46.63
C THR F 20 35.55 15.02 -46.02
N GLU F 21 34.85 14.27 -46.88
CA GLU F 21 34.17 13.03 -46.50
C GLU F 21 35.00 12.20 -45.53
N GLY F 22 34.39 11.81 -44.42
CA GLY F 22 35.03 10.94 -43.46
C GLY F 22 35.78 11.64 -42.34
N ASP F 23 36.16 12.90 -42.52
CA ASP F 23 36.84 13.66 -41.50
C ASP F 23 35.82 14.33 -40.59
N ASN F 24 36.31 14.92 -39.49
CA ASN F 24 35.45 15.64 -38.57
C ASN F 24 35.40 17.12 -38.91
N ALA F 25 34.21 17.71 -38.79
CA ALA F 25 34.01 19.14 -38.93
C ALA F 25 33.60 19.72 -37.58
N THR F 26 34.23 20.81 -37.18
CA THR F 26 33.97 21.41 -35.86
C THR F 26 33.63 22.88 -36.03
N PHE F 27 32.38 23.21 -35.74
CA PHE F 27 31.98 24.61 -35.57
C PHE F 27 32.28 25.04 -34.14
N THR F 28 32.30 26.35 -33.91
CA THR F 28 32.37 26.89 -32.56
C THR F 28 31.17 27.79 -32.32
N CYS F 29 30.42 27.51 -31.26
CA CYS F 29 29.40 28.41 -30.75
C CYS F 29 29.97 29.09 -29.51
N SER F 30 29.99 30.42 -29.52
CA SER F 30 30.47 31.20 -28.37
C SER F 30 29.30 32.02 -27.84
N PHE F 31 29.00 31.83 -26.55
CA PHE F 31 27.83 32.43 -25.92
C PHE F 31 28.24 32.91 -24.54
N SER F 32 28.28 34.24 -24.36
CA SER F 32 28.60 34.84 -23.07
C SER F 32 27.31 34.97 -22.27
N ASN F 33 27.05 33.95 -21.46
CA ASN F 33 25.85 33.92 -20.66
C ASN F 33 25.88 35.00 -19.58
N THR F 34 24.74 35.67 -19.39
CA THR F 34 24.57 36.62 -18.30
C THR F 34 24.04 35.94 -17.04
N SER F 35 23.71 34.67 -17.11
CA SER F 35 23.24 33.91 -15.95
C SER F 35 23.41 32.43 -16.27
N GLU F 36 23.21 31.59 -15.25
CA GLU F 36 23.29 30.15 -15.48
C GLU F 36 21.99 29.55 -16.01
N SER F 37 20.97 30.38 -16.25
CA SER F 37 19.63 29.90 -16.55
C SER F 37 19.39 29.95 -18.06
N PHE F 38 19.98 28.99 -18.76
CA PHE F 38 19.89 28.95 -20.22
C PHE F 38 20.19 27.53 -20.69
N VAL F 39 19.70 27.22 -21.90
CA VAL F 39 20.09 26.04 -22.66
C VAL F 39 20.67 26.54 -23.98
N LEU F 40 21.63 25.80 -24.51
CA LEU F 40 22.26 26.12 -25.79
C LEU F 40 22.05 24.94 -26.73
N ASN F 41 21.37 25.19 -27.86
CA ASN F 41 21.01 24.16 -28.80
C ASN F 41 21.78 24.31 -30.11
N TRP F 42 22.02 23.18 -30.78
CA TRP F 42 22.65 23.16 -32.10
C TRP F 42 21.62 22.68 -33.11
N TYR F 43 21.40 23.47 -34.16
CA TYR F 43 20.36 23.18 -35.15
C TYR F 43 20.97 23.03 -36.54
N ARG F 44 20.36 22.18 -37.34
CA ARG F 44 20.58 22.12 -38.77
C ARG F 44 19.29 22.56 -39.46
N MET F 45 19.44 23.41 -40.49
CA MET F 45 18.32 23.87 -41.31
C MET F 45 18.35 23.14 -42.64
N SER F 46 17.30 22.36 -42.91
CA SER F 46 17.13 21.73 -44.20
C SER F 46 16.75 22.77 -45.26
N PRO F 47 16.92 22.47 -46.56
CA PRO F 47 16.46 23.42 -47.58
C PRO F 47 14.94 23.54 -47.66
N SER F 48 14.21 22.70 -46.93
CA SER F 48 12.77 22.85 -46.74
C SER F 48 12.44 23.87 -45.66
N ASN F 49 13.45 24.57 -45.14
CA ASN F 49 13.35 25.56 -44.06
C ASN F 49 12.86 24.94 -42.76
N GLN F 50 13.03 23.63 -42.62
CA GLN F 50 12.72 22.94 -41.38
C GLN F 50 13.99 22.87 -40.56
N THR F 51 13.84 23.06 -39.26
CA THR F 51 14.96 23.06 -38.36
C THR F 51 14.98 21.77 -37.56
N ASP F 52 16.18 21.25 -37.36
CA ASP F 52 16.37 20.00 -36.65
C ASP F 52 17.36 20.26 -35.52
N LYS F 53 17.00 19.86 -34.31
CA LYS F 53 17.93 19.98 -33.20
C LYS F 53 18.88 18.80 -33.24
N LEU F 54 20.18 19.08 -33.35
CA LEU F 54 21.18 18.02 -33.39
C LEU F 54 21.65 17.64 -31.99
N ALA F 55 21.79 18.62 -31.11
CA ALA F 55 22.43 18.41 -29.82
C ALA F 55 22.16 19.63 -28.95
N ALA F 56 22.50 19.49 -27.67
CA ALA F 56 22.24 20.59 -26.75
C ALA F 56 23.25 20.55 -25.63
N PHE F 57 23.45 21.70 -25.00
CA PHE F 57 24.18 21.80 -23.76
C PHE F 57 23.26 22.42 -22.72
N PRO F 58 23.02 21.77 -21.58
CA PRO F 58 23.55 20.44 -21.21
C PRO F 58 22.88 19.31 -22.00
N GLU F 59 23.64 18.27 -22.33
CA GLU F 59 23.09 17.06 -22.93
C GLU F 59 22.20 16.34 -21.92
N ASP F 60 21.06 15.83 -22.39
CA ASP F 60 20.20 15.02 -21.53
C ASP F 60 20.60 13.55 -21.66
N ARG F 61 20.56 12.83 -20.54
CA ARG F 61 21.01 11.43 -20.51
C ARG F 61 20.08 10.57 -21.34
N SER F 62 20.67 9.94 -22.36
CA SER F 62 19.98 9.27 -23.45
C SER F 62 20.91 8.14 -23.90
N GLN F 63 20.70 7.68 -25.13
CA GLN F 63 21.68 6.86 -25.84
C GLN F 63 21.90 5.46 -25.27
N PRO F 64 20.85 4.63 -25.10
CA PRO F 64 21.09 3.18 -25.13
C PRO F 64 21.08 2.68 -26.56
N GLY F 65 22.21 2.15 -27.04
CA GLY F 65 22.28 1.65 -28.40
C GLY F 65 22.33 2.71 -29.49
N GLN F 66 22.67 3.95 -29.13
CA GLN F 66 22.89 5.00 -30.11
C GLN F 66 23.98 5.92 -29.60
N ASP F 67 24.94 6.26 -30.45
CA ASP F 67 25.89 7.33 -30.20
C ASP F 67 25.75 8.34 -31.33
N SER F 68 25.53 9.60 -30.98
CA SER F 68 25.32 10.60 -32.02
C SER F 68 26.64 11.01 -32.66
N ARG F 69 26.57 11.29 -33.96
CA ARG F 69 27.67 11.92 -34.67
C ARG F 69 27.73 13.42 -34.42
N PHE F 70 26.76 13.97 -33.68
CA PHE F 70 26.66 15.38 -33.37
C PHE F 70 26.89 15.57 -31.87
N ARG F 71 28.07 16.09 -31.51
CA ARG F 71 28.42 16.22 -30.11
C ARG F 71 28.79 17.66 -29.80
N VAL F 72 28.45 18.10 -28.60
CA VAL F 72 28.82 19.43 -28.08
C VAL F 72 29.76 19.24 -26.89
N THR F 73 30.94 19.87 -26.97
CA THR F 73 31.91 19.88 -25.88
C THR F 73 32.15 21.31 -25.43
N GLN F 74 31.86 21.60 -24.17
CA GLN F 74 32.18 22.89 -23.59
C GLN F 74 33.69 23.03 -23.40
N LEU F 75 34.25 24.16 -23.83
CA LEU F 75 35.66 24.45 -23.62
C LEU F 75 35.90 25.08 -22.24
N PRO F 76 37.12 25.00 -21.70
CA PRO F 76 37.32 25.39 -20.28
C PRO F 76 37.07 26.85 -19.98
N ASN F 77 37.06 27.74 -20.97
CA ASN F 77 36.72 29.13 -20.65
C ASN F 77 35.22 29.34 -20.48
N GLY F 78 34.41 28.32 -20.73
CA GLY F 78 33.00 28.32 -20.39
C GLY F 78 32.08 28.99 -21.37
N ARG F 79 32.59 29.90 -22.21
CA ARG F 79 31.76 30.59 -23.18
C ARG F 79 31.83 29.99 -24.58
N ASP F 80 32.88 29.23 -24.88
CA ASP F 80 33.07 28.61 -26.19
C ASP F 80 32.68 27.14 -26.14
N PHE F 81 32.05 26.69 -27.23
CA PHE F 81 31.54 25.33 -27.36
C PHE F 81 31.92 24.79 -28.73
N HIS F 82 32.59 23.64 -28.77
CA HIS F 82 32.83 22.93 -30.02
C HIS F 82 31.62 22.09 -30.39
N MET F 83 31.13 22.28 -31.60
CA MET F 83 29.98 21.56 -32.10
C MET F 83 30.47 20.76 -33.31
N SER F 84 30.60 19.45 -33.15
CA SER F 84 31.40 18.64 -34.06
C SER F 84 30.55 17.61 -34.79
N VAL F 85 30.66 17.59 -36.12
CA VAL F 85 30.18 16.47 -36.94
C VAL F 85 31.34 15.50 -37.11
N VAL F 86 31.13 14.26 -36.68
CA VAL F 86 32.17 13.23 -36.75
C VAL F 86 31.83 12.28 -37.90
N ARG F 87 32.85 11.88 -38.66
CA ARG F 87 32.67 11.09 -39.88
C ARG F 87 31.65 11.76 -40.80
N ALA F 88 31.91 13.02 -41.10
CA ALA F 88 30.99 13.82 -41.89
C ALA F 88 30.72 13.17 -43.25
N ARG F 89 29.46 13.17 -43.66
CA ARG F 89 29.05 12.63 -44.95
C ARG F 89 28.75 13.79 -45.91
N ARG F 90 28.76 13.48 -47.21
CA ARG F 90 28.40 14.50 -48.20
C ARG F 90 27.00 15.05 -47.93
N ASN F 91 26.10 14.20 -47.45
CA ASN F 91 24.75 14.66 -47.15
C ASN F 91 24.64 15.40 -45.82
N ASP F 92 25.75 15.58 -45.09
CA ASP F 92 25.77 16.53 -43.98
C ASP F 92 25.86 17.97 -44.46
N SER F 93 26.17 18.21 -45.74
CA SER F 93 26.30 19.57 -46.25
C SER F 93 25.00 20.35 -46.06
N GLY F 94 25.12 21.60 -45.65
CA GLY F 94 23.92 22.41 -45.51
C GLY F 94 24.13 23.51 -44.49
N THR F 95 23.01 23.96 -43.92
CA THR F 95 22.94 25.17 -43.11
C THR F 95 22.83 24.78 -41.64
N TYR F 96 23.66 25.42 -40.81
CA TYR F 96 23.76 25.09 -39.40
C TYR F 96 23.76 26.37 -38.58
N LEU F 97 23.23 26.28 -37.36
CA LEU F 97 23.27 27.41 -36.44
C LEU F 97 23.11 26.90 -35.01
N CYS F 98 23.31 27.80 -34.05
CA CYS F 98 23.02 27.51 -32.65
C CYS F 98 22.03 28.54 -32.12
N GLY F 99 21.29 28.14 -31.09
CA GLY F 99 20.34 29.02 -30.44
C GLY F 99 20.43 28.84 -28.95
N ALA F 100 20.44 29.96 -28.23
CA ALA F 100 20.38 29.97 -26.78
C ALA F 100 18.97 30.32 -26.34
N ILE F 101 18.44 29.59 -25.37
CA ILE F 101 17.15 29.88 -24.77
C ILE F 101 17.38 30.23 -23.32
N SER F 102 17.08 31.46 -22.95
CA SER F 102 16.99 31.80 -21.53
C SER F 102 15.74 31.15 -20.92
N LEU F 103 15.89 30.65 -19.70
CA LEU F 103 14.80 29.93 -19.07
C LEU F 103 14.10 30.74 -18.00
N ALA F 104 14.79 31.71 -17.40
CA ALA F 104 14.21 32.57 -16.37
C ALA F 104 15.09 33.81 -16.24
N PRO F 105 14.55 34.95 -15.75
CA PRO F 105 13.15 35.18 -15.38
C PRO F 105 12.23 35.26 -16.61
N LYS F 106 12.83 35.54 -17.76
CA LYS F 106 12.12 35.71 -19.04
C LYS F 106 12.65 34.67 -20.03
N ALA F 107 11.76 33.79 -20.50
CA ALA F 107 12.14 32.79 -21.48
C ALA F 107 12.17 33.41 -22.88
N GLN F 108 13.25 33.14 -23.62
CA GLN F 108 13.39 33.70 -24.96
C GLN F 108 14.53 33.05 -25.74
N ILE F 109 14.28 32.73 -27.01
CA ILE F 109 15.26 32.09 -27.88
C ILE F 109 15.92 33.15 -28.75
N LYS F 110 17.24 33.15 -28.79
CA LYS F 110 17.98 33.98 -29.75
C LYS F 110 18.90 33.07 -30.55
N GLU F 111 18.75 33.11 -31.88
CA GLU F 111 19.58 32.32 -32.78
C GLU F 111 20.87 33.07 -33.08
N SER F 112 21.92 32.31 -33.38
CA SER F 112 23.08 32.88 -34.02
C SER F 112 22.82 33.08 -35.50
N LEU F 113 23.78 33.69 -36.19
CA LEU F 113 23.72 33.74 -37.64
C LEU F 113 23.98 32.36 -38.22
N ARG F 114 23.42 32.11 -39.40
CA ARG F 114 23.55 30.81 -40.05
C ARG F 114 24.95 30.64 -40.64
N ALA F 115 25.43 29.40 -40.66
CA ALA F 115 26.69 29.05 -41.30
C ALA F 115 26.46 27.89 -42.26
N GLU F 116 27.41 27.71 -43.18
CA GLU F 116 27.36 26.64 -44.16
C GLU F 116 28.48 25.63 -43.90
N LEU F 117 28.12 24.35 -43.88
CA LEU F 117 29.06 23.23 -43.92
C LEU F 117 29.07 22.67 -45.34
N ARG F 118 30.26 22.61 -45.93
CA ARG F 118 30.45 22.01 -47.25
C ARG F 118 31.38 20.81 -47.08
N VAL F 119 30.85 19.62 -47.33
CA VAL F 119 31.62 18.39 -47.31
C VAL F 119 31.94 17.99 -48.74
N THR F 120 33.22 17.78 -49.04
CA THR F 120 33.68 17.52 -50.40
C THR F 120 34.06 16.05 -50.55
N GLU F 121 34.12 15.59 -51.79
CA GLU F 121 34.46 14.19 -52.04
C GLU F 121 35.95 13.95 -51.87
N ARG F 122 36.29 12.78 -51.31
CA ARG F 122 37.65 12.29 -51.30
C ARG F 122 38.15 12.02 -52.72
#